data_5OLJ
#
_entry.id   5OLJ
#
_cell.length_a   109.100
_cell.length_b   109.100
_cell.length_c   157.810
_cell.angle_alpha   90.00
_cell.angle_beta   90.00
_cell.angle_gamma   90.00
#
_symmetry.space_group_name_H-M   'P 41 21 2'
#
loop_
_entity.id
_entity.type
_entity.pdbx_description
1 polymer 'Dipeptidyl peptidase IV'
2 non-polymer GLYCEROL
3 water water
#
_entity_poly.entity_id   1
_entity_poly.type   'polypeptide(L)'
_entity_poly.pdbx_seq_one_letter_code
;MKRPVIILLLGIVTMCAMAQTGDKPVDLKEITSGMFYARSAGRGIRSMPDGEHYTEMNRERTAIVRYNYASGKAVDTLFS
IERARECPFKQIQNYEVSSTGHHILLFTDMESIYRHSYRAAVYDYDVRRNLVKPLSEHVGKVMIPTFSPDGRMVAFVRDN
NIFIKKFDFDTEVQVTTDGQINSVLNGATDWVYEEEFGVTNLMSWSADNAFLAFVRSDESAVPEYRMPMYEDKLYPEDYT
YKYPKAGEKNSTVSLHLYNVADRNTKSVSLPIDADGYIPRIAFTDNADELAVMTLNRLQNDFKMYYVHPKSLVPKLILQD
MNKRYVDSDWIQALKFTAGGGFAYVSEKDGFAHIYLYDNKGVMHRRITSGNWDVTKLYGVDASGTVFYQSAEESPIRRAV
YAIDAKGRKTKLSLNVGTNDALFSGNYAYYINTYSSAATPTVVSVFRSKGAKELRTLEDNVALRERLKAYRYNPKEFTII
KTQSALELNAWIVKPIDFDPSRHYPVLMVQYSGPNSQQVLDRYSFDWEHYLASKGYVVACVDGRGTGARGEEWRKCTYMQ
LGVFESDDQIAAATAIGQLPYVDAARIGIWGWSYGGYTTLMSLCRGNGTFKAGIAVAPVADWRFYDSVYTERFMRTPKEN
ASGYKMSSALDVASQLQGNLLIVSGSADDNVHLQNTMLFTEALVQANIPFDMAIYMDKNHSIYGGNTRYHLYTRKAKFLF
DNL
;
_entity_poly.pdbx_strand_id   A
#
# COMPACT_ATOMS: atom_id res chain seq x y z
N THR A 21 12.10 29.43 12.06
CA THR A 21 12.88 30.39 12.89
C THR A 21 12.98 29.99 14.38
N GLY A 22 12.56 28.78 14.74
CA GLY A 22 12.47 28.39 16.15
C GLY A 22 13.79 28.20 16.91
N ASP A 23 13.66 27.97 18.22
CA ASP A 23 14.78 27.89 19.15
C ASP A 23 15.39 26.48 19.31
N LYS A 24 14.57 25.44 19.37
CA LYS A 24 15.06 24.11 19.75
C LYS A 24 15.76 23.29 18.66
N PRO A 25 16.88 22.67 19.04
CA PRO A 25 17.52 21.80 18.11
C PRO A 25 16.67 20.56 17.88
N VAL A 26 16.59 20.14 16.64
CA VAL A 26 15.90 18.90 16.27
C VAL A 26 16.69 17.73 16.84
N ASP A 27 16.02 16.81 17.50
CA ASP A 27 16.67 15.70 18.20
C ASP A 27 16.20 14.40 17.58
N LEU A 28 17.13 13.47 17.40
CA LEU A 28 16.85 12.30 16.61
C LEU A 28 15.81 11.42 17.32
N LYS A 29 15.89 11.31 18.64
CA LYS A 29 14.92 10.53 19.42
C LYS A 29 13.49 11.10 19.35
N GLU A 30 13.37 12.41 19.18
CA GLU A 30 12.06 13.02 19.03
C GLU A 30 11.46 12.64 17.66
N ILE A 31 12.29 12.63 16.60
CA ILE A 31 11.79 12.25 15.28
C ILE A 31 11.26 10.85 15.43
N THR A 32 12.12 10.03 15.99
CA THR A 32 11.95 8.62 16.02
C THR A 32 10.80 8.22 16.98
N SER A 33 10.45 9.10 17.89
CA SER A 33 9.37 8.84 18.86
C SER A 33 8.03 9.25 18.32
N GLY A 34 8.02 9.81 17.13
CA GLY A 34 6.80 10.30 16.55
C GLY A 34 6.34 11.66 17.00
N MET A 35 7.19 12.41 17.69
CA MET A 35 6.82 13.78 18.11
C MET A 35 6.43 14.73 16.99
N PHE A 36 6.82 14.41 15.76
CA PHE A 36 6.53 15.23 14.59
C PHE A 36 5.48 14.59 13.65
N TYR A 37 4.92 13.48 14.09
CA TYR A 37 3.97 12.74 13.30
C TYR A 37 2.60 13.40 13.40
N ALA A 38 1.95 13.63 12.26
CA ALA A 38 0.65 14.30 12.21
C ALA A 38 -0.42 13.33 12.62
N ARG A 39 -1.43 13.85 13.32
CA ARG A 39 -2.66 13.10 13.63
C ARG A 39 -3.50 13.09 12.36
N SER A 40 -4.03 11.92 12.01
CA SER A 40 -4.65 11.68 10.70
C SER A 40 -6.05 11.24 10.97
N ALA A 41 -6.71 10.69 9.97
CA ALA A 41 -8.03 10.11 10.18
C ALA A 41 -7.91 8.68 10.74
N GLY A 42 -6.71 8.08 10.61
CA GLY A 42 -6.40 6.67 10.98
C GLY A 42 -7.53 5.80 11.53
N ARG A 43 -7.88 6.11 12.77
CA ARG A 43 -9.00 5.48 13.49
C ARG A 43 -10.38 5.59 12.82
N GLY A 44 -10.58 4.63 11.88
CA GLY A 44 -11.84 3.91 11.61
C GLY A 44 -13.06 4.46 10.89
N ILE A 45 -12.95 5.61 10.22
CA ILE A 45 -14.11 6.23 9.56
C ILE A 45 -14.71 5.36 8.44
N ARG A 46 -16.02 5.17 8.47
CA ARG A 46 -16.72 4.35 7.50
C ARG A 46 -18.06 5.00 7.13
N SER A 47 -18.34 5.08 5.83
CA SER A 47 -19.57 5.66 5.35
C SER A 47 -20.67 4.65 5.50
N MET A 48 -21.86 5.10 5.89
CA MET A 48 -23.02 4.21 6.04
C MET A 48 -23.79 4.15 4.72
N PRO A 49 -24.51 3.05 4.49
CA PRO A 49 -25.25 2.87 3.25
C PRO A 49 -26.33 3.92 3.04
N ASP A 50 -26.85 4.55 4.08
CA ASP A 50 -27.82 5.60 3.87
C ASP A 50 -27.22 6.82 3.14
N GLY A 51 -25.89 6.93 3.11
CA GLY A 51 -25.20 7.97 2.35
C GLY A 51 -25.00 9.32 3.05
N GLU A 52 -25.69 9.54 4.17
CA GLU A 52 -25.68 10.81 4.89
C GLU A 52 -24.99 10.73 6.26
N HIS A 53 -24.54 9.53 6.62
CA HIS A 53 -23.83 9.33 7.87
C HIS A 53 -22.55 8.53 7.68
N TYR A 54 -21.61 8.78 8.56
CA TYR A 54 -20.46 7.91 8.76
C TYR A 54 -20.32 7.51 10.24
N THR A 55 -19.67 6.39 10.48
CA THR A 55 -19.31 5.96 11.81
C THR A 55 -17.80 6.10 12.03
N GLU A 56 -17.41 6.10 13.30
CA GLU A 56 -16.04 6.29 13.75
C GLU A 56 -15.97 5.86 15.22
N MET A 57 -14.94 5.11 15.60
CA MET A 57 -14.66 4.85 16.99
C MET A 57 -14.31 6.17 17.64
N ASN A 58 -14.68 6.34 18.91
CA ASN A 58 -14.18 7.49 19.68
C ASN A 58 -12.70 7.34 20.00
N ARG A 59 -12.14 8.40 20.58
CA ARG A 59 -10.68 8.50 20.83
C ARG A 59 -10.22 7.35 21.70
N GLU A 60 -11.02 6.96 22.68
CA GLU A 60 -10.61 5.96 23.66
C GLU A 60 -10.85 4.56 23.10
N ARG A 61 -11.46 4.47 21.92
CA ARG A 61 -11.84 3.20 21.30
C ARG A 61 -12.68 2.40 22.29
N THR A 62 -13.64 3.11 22.85
CA THR A 62 -14.51 2.60 23.84
C THR A 62 -15.96 2.57 23.37
N ALA A 63 -16.16 3.13 22.17
CA ALA A 63 -17.48 3.28 21.58
C ALA A 63 -17.39 3.54 20.10
N ILE A 64 -18.50 3.27 19.42
CA ILE A 64 -18.64 3.57 18.01
C ILE A 64 -19.76 4.58 17.94
N VAL A 65 -19.50 5.67 17.22
CA VAL A 65 -20.34 6.83 17.22
C VAL A 65 -20.76 7.09 15.77
N ARG A 66 -22.03 7.47 15.60
CA ARG A 66 -22.59 7.73 14.30
C ARG A 66 -22.69 9.23 14.11
N TYR A 67 -22.14 9.72 13.02
CA TYR A 67 -22.08 11.15 12.77
C TYR A 67 -22.87 11.58 11.51
N ASN A 68 -23.45 12.77 11.54
CA ASN A 68 -24.04 13.32 10.32
C ASN A 68 -22.99 14.02 9.48
N TYR A 69 -22.88 13.64 8.22
CA TYR A 69 -21.98 14.34 7.31
C TYR A 69 -22.27 15.83 7.28
N ALA A 70 -23.52 16.22 7.04
CA ALA A 70 -23.81 17.64 6.84
C ALA A 70 -23.56 18.46 8.09
N SER A 71 -23.94 17.94 9.25
CA SER A 71 -23.95 18.75 10.47
C SER A 71 -22.72 18.46 11.32
N GLY A 72 -22.18 17.26 11.16
CA GLY A 72 -21.11 16.78 11.98
C GLY A 72 -21.54 16.42 13.42
N LYS A 73 -22.83 16.50 13.75
CA LYS A 73 -23.31 16.10 15.07
C LYS A 73 -23.11 14.60 15.27
N ALA A 74 -22.79 14.22 16.49
CA ALA A 74 -22.87 12.81 16.89
C ALA A 74 -24.33 12.41 17.22
N VAL A 75 -24.99 11.82 16.21
CA VAL A 75 -26.41 11.57 16.25
C VAL A 75 -26.73 10.62 17.40
N ASP A 76 -25.89 9.61 17.54
CA ASP A 76 -26.00 8.61 18.60
C ASP A 76 -24.69 7.81 18.75
N THR A 77 -24.54 7.18 19.91
CA THR A 77 -23.55 6.13 20.10
C THR A 77 -24.16 4.78 19.79
N LEU A 78 -23.66 4.12 18.75
CA LEU A 78 -24.22 2.85 18.25
C LEU A 78 -23.84 1.70 19.16
N PHE A 79 -22.67 1.79 19.76
CA PHE A 79 -22.20 0.81 20.71
C PHE A 79 -21.25 1.45 21.69
N SER A 80 -21.32 1.04 22.94
CA SER A 80 -20.28 1.41 23.89
C SER A 80 -19.95 0.28 24.87
N ILE A 81 -18.72 0.28 25.37
CA ILE A 81 -18.31 -0.59 26.47
C ILE A 81 -19.16 -0.30 27.72
N GLU A 82 -19.40 0.98 28.02
CA GLU A 82 -20.11 1.35 29.24
C GLU A 82 -21.48 0.69 29.29
N ARG A 83 -22.21 0.72 28.18
CA ARG A 83 -23.66 0.43 28.23
C ARG A 83 -24.00 -1.01 27.84
N ALA A 84 -23.14 -1.61 27.02
CA ALA A 84 -23.44 -2.92 26.41
C ALA A 84 -23.50 -4.03 27.45
N ARG A 85 -24.45 -4.95 27.28
CA ARG A 85 -24.51 -6.14 28.18
C ARG A 85 -23.44 -7.18 27.87
N GLU A 86 -22.88 -7.75 28.93
CA GLU A 86 -21.97 -8.89 28.86
C GLU A 86 -20.74 -8.64 28.00
N CYS A 87 -20.12 -7.47 28.19
CA CYS A 87 -18.99 -7.09 27.38
C CYS A 87 -17.70 -7.38 28.10
N PRO A 88 -16.93 -8.36 27.60
CA PRO A 88 -15.78 -8.84 28.34
C PRO A 88 -14.51 -8.02 28.18
N PHE A 89 -14.48 -7.03 27.32
CA PHE A 89 -13.29 -6.26 27.06
C PHE A 89 -13.53 -4.81 27.36
N LYS A 90 -12.45 -4.04 27.54
CA LYS A 90 -12.56 -2.58 27.80
C LYS A 90 -12.32 -1.65 26.60
N GLN A 91 -11.75 -2.17 25.51
CA GLN A 91 -11.54 -1.41 24.27
C GLN A 91 -11.73 -2.28 23.01
N ILE A 92 -12.00 -1.65 21.88
CA ILE A 92 -12.02 -2.35 20.61
C ILE A 92 -10.92 -1.80 19.75
N GLN A 93 -10.65 -2.49 18.65
CA GLN A 93 -9.59 -2.12 17.72
C GLN A 93 -10.13 -1.95 16.30
N ASN A 94 -11.28 -2.54 16.04
CA ASN A 94 -11.95 -2.33 14.78
C ASN A 94 -13.41 -2.73 14.93
N TYR A 95 -14.26 -2.31 13.98
CA TYR A 95 -15.67 -2.70 13.99
C TYR A 95 -16.18 -2.75 12.55
N GLU A 96 -17.37 -3.31 12.35
CA GLU A 96 -18.13 -3.24 11.10
C GLU A 96 -19.59 -3.15 11.47
N VAL A 97 -20.33 -2.32 10.77
CA VAL A 97 -21.76 -2.22 10.98
C VAL A 97 -22.51 -2.90 9.85
N SER A 98 -23.53 -3.69 10.17
CA SER A 98 -24.35 -4.35 9.17
C SER A 98 -25.22 -3.30 8.49
N SER A 99 -25.62 -3.62 7.25
CA SER A 99 -26.38 -2.75 6.37
C SER A 99 -27.64 -2.15 7.00
N THR A 100 -28.17 -2.83 8.01
CA THR A 100 -29.36 -2.43 8.73
C THR A 100 -29.09 -1.89 10.14
N GLY A 101 -27.83 -1.93 10.55
CA GLY A 101 -27.48 -1.55 11.90
C GLY A 101 -28.00 -2.46 13.01
N HIS A 102 -28.45 -3.67 12.69
CA HIS A 102 -28.93 -4.57 13.73
C HIS A 102 -27.77 -5.30 14.42
N HIS A 103 -26.63 -5.33 13.77
CA HIS A 103 -25.48 -6.05 14.27
C HIS A 103 -24.23 -5.28 13.98
N ILE A 104 -23.37 -5.21 14.98
CA ILE A 104 -22.07 -4.61 14.83
C ILE A 104 -21.02 -5.64 15.22
N LEU A 105 -20.09 -5.90 14.32
CA LEU A 105 -18.92 -6.71 14.66
C LEU A 105 -17.93 -5.84 15.44
N LEU A 106 -17.38 -6.43 16.47
CA LEU A 106 -16.36 -5.79 17.29
C LEU A 106 -15.11 -6.69 17.27
N PHE A 107 -13.97 -6.06 17.04
CA PHE A 107 -12.71 -6.77 16.87
C PHE A 107 -11.86 -6.41 18.07
N THR A 108 -11.34 -7.43 18.75
CA THR A 108 -10.34 -7.25 19.80
C THR A 108 -9.18 -8.26 19.67
N ASP A 109 -8.15 -8.07 20.49
CA ASP A 109 -6.96 -8.92 20.41
C ASP A 109 -6.46 -9.13 19.00
N MET A 110 -6.26 -8.06 18.25
CA MET A 110 -5.76 -8.21 16.89
C MET A 110 -4.33 -8.75 16.90
N GLU A 111 -4.01 -9.67 16.00
CA GLU A 111 -2.63 -10.11 15.74
C GLU A 111 -2.39 -9.84 14.27
N SER A 112 -1.40 -9.04 13.93
CA SER A 112 -0.95 -8.90 12.55
C SER A 112 -0.33 -10.16 12.02
N ILE A 113 -0.59 -10.50 10.76
CA ILE A 113 0.09 -11.62 10.10
C ILE A 113 1.12 -10.98 9.21
N TYR A 114 0.70 -10.36 8.11
CA TYR A 114 1.66 -9.72 7.19
C TYR A 114 1.28 -8.25 7.05
N ARG A 115 1.60 -7.58 5.96
CA ARG A 115 1.29 -6.16 5.87
C ARG A 115 -0.21 -5.80 6.15
N HIS A 116 -1.14 -6.54 5.58
CA HIS A 116 -2.57 -6.21 5.61
C HIS A 116 -3.38 -7.19 6.44
N SER A 117 -3.05 -8.46 6.35
CA SER A 117 -3.83 -9.44 7.00
C SER A 117 -3.69 -9.43 8.53
N TYR A 118 -4.76 -9.84 9.20
CA TYR A 118 -4.71 -10.05 10.64
C TYR A 118 -5.81 -11.03 11.07
N ARG A 119 -5.67 -11.57 12.28
CA ARG A 119 -6.74 -12.33 12.90
C ARG A 119 -7.16 -11.62 14.15
N ALA A 120 -8.29 -12.01 14.71
CA ALA A 120 -8.83 -11.29 15.85
C ALA A 120 -9.93 -12.04 16.56
N ALA A 121 -10.10 -11.66 17.83
CA ALA A 121 -11.29 -12.06 18.56
C ALA A 121 -12.44 -11.21 18.09
N VAL A 122 -13.49 -11.80 17.50
CA VAL A 122 -14.57 -11.01 16.93
C VAL A 122 -15.89 -11.29 17.62
N TYR A 123 -16.48 -10.22 18.11
CA TYR A 123 -17.78 -10.30 18.73
C TYR A 123 -18.88 -9.73 17.84
N ASP A 124 -20.04 -10.31 18.07
CA ASP A 124 -21.30 -9.83 17.57
C ASP A 124 -22.05 -9.00 18.65
N TYR A 125 -22.10 -7.69 18.45
CA TYR A 125 -22.99 -6.81 19.24
C TYR A 125 -24.38 -6.79 18.60
N ASP A 126 -25.32 -7.48 19.26
CA ASP A 126 -26.73 -7.46 18.89
C ASP A 126 -27.38 -6.16 19.38
N VAL A 127 -27.54 -5.24 18.44
CA VAL A 127 -27.94 -3.85 18.72
C VAL A 127 -29.27 -3.79 19.44
N ARG A 128 -30.27 -4.50 18.89
CA ARG A 128 -31.59 -4.47 19.45
C ARG A 128 -31.61 -4.96 20.89
N ARG A 129 -30.81 -5.97 21.22
CA ARG A 129 -30.80 -6.55 22.55
C ARG A 129 -29.74 -5.92 23.45
N ASN A 130 -29.02 -4.93 22.93
CA ASN A 130 -27.84 -4.36 23.63
C ASN A 130 -26.94 -5.44 24.20
N LEU A 131 -26.71 -6.51 23.43
CA LEU A 131 -25.92 -7.66 23.94
C LEU A 131 -24.67 -7.93 23.10
N VAL A 132 -23.54 -8.04 23.78
CA VAL A 132 -22.29 -8.46 23.19
C VAL A 132 -22.30 -9.96 23.31
N LYS A 133 -22.02 -10.61 22.19
CA LYS A 133 -21.80 -12.04 22.13
C LYS A 133 -20.59 -12.33 21.30
N PRO A 134 -20.11 -13.55 21.41
CA PRO A 134 -19.16 -14.03 20.43
C PRO A 134 -19.81 -14.11 19.06
N LEU A 135 -19.04 -13.75 18.04
CA LEU A 135 -19.46 -14.02 16.68
C LEU A 135 -19.77 -15.48 16.50
N SER A 136 -18.87 -16.33 16.96
CA SER A 136 -19.00 -17.77 16.86
C SER A 136 -18.92 -18.34 18.28
N GLU A 137 -19.67 -19.41 18.57
CA GLU A 137 -19.58 -20.05 19.88
C GLU A 137 -18.40 -21.00 19.96
N HIS A 138 -17.55 -20.95 18.96
CA HIS A 138 -16.26 -21.60 19.00
C HIS A 138 -15.21 -20.52 19.35
N VAL A 139 -14.47 -20.72 20.43
CA VAL A 139 -13.42 -19.83 20.83
C VAL A 139 -12.20 -19.99 19.90
N GLY A 140 -11.86 -18.89 19.23
CA GLY A 140 -10.75 -18.89 18.30
C GLY A 140 -10.71 -17.68 17.39
N LYS A 141 -9.54 -17.10 17.22
CA LYS A 141 -9.46 -15.91 16.38
C LYS A 141 -9.85 -16.25 14.95
N VAL A 142 -10.38 -15.25 14.25
CA VAL A 142 -10.81 -15.42 12.85
C VAL A 142 -10.32 -14.24 12.03
N MET A 143 -10.57 -14.37 10.72
CA MET A 143 -10.14 -13.39 9.73
C MET A 143 -11.30 -13.07 8.82
N ILE A 144 -11.33 -11.82 8.38
CA ILE A 144 -12.00 -11.45 7.17
C ILE A 144 -13.51 -11.64 7.30
N PRO A 145 -14.07 -11.35 8.49
CA PRO A 145 -15.51 -11.56 8.63
C PRO A 145 -16.26 -10.58 7.76
N THR A 146 -17.23 -11.07 7.01
CA THR A 146 -17.88 -10.26 5.99
C THR A 146 -19.39 -10.47 6.03
N PHE A 147 -20.12 -9.41 6.35
CA PHE A 147 -21.59 -9.48 6.39
C PHE A 147 -22.18 -9.74 5.02
N SER A 148 -23.27 -10.50 4.97
CA SER A 148 -24.10 -10.57 3.81
C SER A 148 -24.81 -9.24 3.57
N PRO A 149 -25.26 -8.97 2.35
CA PRO A 149 -25.92 -7.71 2.09
C PRO A 149 -27.11 -7.42 3.01
N ASP A 150 -27.80 -8.45 3.46
CA ASP A 150 -28.98 -8.27 4.33
C ASP A 150 -28.63 -8.12 5.80
N GLY A 151 -27.34 -8.14 6.11
CA GLY A 151 -26.90 -8.09 7.48
C GLY A 151 -27.10 -9.33 8.35
N ARG A 152 -27.83 -10.31 7.85
CA ARG A 152 -28.26 -11.45 8.67
C ARG A 152 -27.25 -12.59 8.83
N MET A 153 -26.22 -12.58 8.01
CA MET A 153 -25.20 -13.64 8.00
C MET A 153 -23.81 -13.02 7.95
N VAL A 154 -22.83 -13.73 8.49
CA VAL A 154 -21.42 -13.34 8.44
C VAL A 154 -20.58 -14.51 7.97
N ALA A 155 -19.95 -14.35 6.82
CA ALA A 155 -18.96 -15.27 6.34
C ALA A 155 -17.64 -14.90 6.98
N PHE A 156 -16.90 -15.87 7.47
CA PHE A 156 -15.60 -15.60 8.07
C PHE A 156 -14.66 -16.78 7.84
N VAL A 157 -13.36 -16.49 8.02
CA VAL A 157 -12.34 -17.50 7.85
C VAL A 157 -11.77 -17.89 9.22
N ARG A 158 -11.59 -19.19 9.42
CA ARG A 158 -10.94 -19.70 10.62
C ARG A 158 -10.22 -20.99 10.28
N ASP A 159 -8.94 -21.01 10.58
CA ASP A 159 -8.11 -22.15 10.34
C ASP A 159 -8.14 -22.45 8.84
N ASN A 160 -8.10 -21.40 8.00
CA ASN A 160 -8.15 -21.52 6.53
C ASN A 160 -9.44 -22.10 5.91
N ASN A 161 -10.50 -22.26 6.71
CA ASN A 161 -11.83 -22.60 6.24
C ASN A 161 -12.84 -21.48 6.38
N ILE A 162 -13.85 -21.53 5.51
CA ILE A 162 -14.89 -20.56 5.50
C ILE A 162 -16.07 -21.10 6.31
N PHE A 163 -16.59 -20.20 7.15
CA PHE A 163 -17.76 -20.44 7.98
C PHE A 163 -18.75 -19.32 7.74
N ILE A 164 -20.04 -19.64 7.84
CA ILE A 164 -21.07 -18.64 7.80
C ILE A 164 -21.87 -18.71 9.10
N LYS A 165 -21.83 -17.61 9.84
CA LYS A 165 -22.69 -17.42 11.01
C LYS A 165 -24.02 -16.83 10.58
N LYS A 166 -25.11 -17.44 11.03
CA LYS A 166 -26.45 -17.03 10.64
C LYS A 166 -27.20 -16.59 11.86
N PHE A 167 -27.52 -15.31 11.94
CA PHE A 167 -28.06 -14.74 13.19
C PHE A 167 -29.53 -15.11 13.40
N ASP A 168 -30.29 -15.22 12.31
CA ASP A 168 -31.69 -15.60 12.38
C ASP A 168 -31.93 -16.96 12.99
N PHE A 169 -31.01 -17.89 12.81
CA PHE A 169 -31.26 -19.26 13.29
C PHE A 169 -30.33 -19.58 14.41
N ASP A 170 -29.53 -18.60 14.79
CA ASP A 170 -28.48 -18.83 15.77
C ASP A 170 -27.69 -20.11 15.45
N THR A 171 -27.12 -20.13 14.25
CA THR A 171 -26.38 -21.29 13.78
C THR A 171 -25.19 -20.89 12.92
N GLU A 172 -24.22 -21.79 12.87
CA GLU A 172 -23.02 -21.64 12.11
C GLU A 172 -22.95 -22.79 11.13
N VAL A 173 -22.73 -22.51 9.84
CA VAL A 173 -22.53 -23.55 8.87
C VAL A 173 -21.12 -23.48 8.35
N GLN A 174 -20.55 -24.64 8.13
CA GLN A 174 -19.17 -24.73 7.68
C GLN A 174 -19.15 -24.88 6.16
N VAL A 175 -18.55 -23.93 5.45
CA VAL A 175 -18.61 -23.95 3.99
C VAL A 175 -17.54 -24.85 3.38
N THR A 176 -16.31 -24.77 3.89
CA THR A 176 -15.21 -25.62 3.38
C THR A 176 -14.60 -26.47 4.46
N THR A 177 -14.06 -27.64 4.06
CA THR A 177 -13.42 -28.57 5.02
C THR A 177 -11.96 -28.85 4.77
N ASP A 178 -11.44 -28.45 3.63
CA ASP A 178 -10.09 -28.88 3.21
C ASP A 178 -9.01 -27.84 3.52
N GLY A 179 -9.31 -26.86 4.34
CA GLY A 179 -8.37 -25.77 4.59
C GLY A 179 -7.25 -26.36 5.38
N GLN A 180 -6.04 -25.83 5.21
CA GLN A 180 -4.87 -26.39 5.90
C GLN A 180 -3.71 -25.36 5.78
N ILE A 181 -3.10 -25.05 6.92
CA ILE A 181 -2.15 -23.95 7.01
C ILE A 181 -1.00 -24.27 6.04
N ASN A 182 -0.40 -23.26 5.41
CA ASN A 182 0.69 -23.48 4.45
C ASN A 182 0.39 -24.40 3.30
N SER A 183 -0.89 -24.63 3.03
CA SER A 183 -1.24 -25.53 1.98
C SER A 183 -2.53 -25.14 1.22
N VAL A 184 -3.68 -25.19 1.88
CA VAL A 184 -4.95 -24.80 1.25
C VAL A 184 -5.62 -23.61 2.01
N LEU A 185 -5.90 -22.52 1.28
CA LEU A 185 -6.58 -21.34 1.78
C LEU A 185 -7.90 -21.08 1.08
N ASN A 186 -8.95 -20.91 1.89
CA ASN A 186 -10.29 -20.62 1.40
C ASN A 186 -10.70 -19.22 1.80
N GLY A 187 -10.88 -18.34 0.82
CA GLY A 187 -11.29 -16.96 1.06
C GLY A 187 -10.09 -16.06 1.32
N ALA A 188 -9.27 -16.42 2.29
CA ALA A 188 -8.04 -15.71 2.54
C ALA A 188 -6.99 -16.03 1.46
N THR A 189 -5.90 -15.30 1.46
CA THR A 189 -4.98 -15.25 0.35
C THR A 189 -3.57 -15.59 0.84
N ASP A 190 -2.69 -15.99 -0.08
CA ASP A 190 -1.32 -16.36 0.26
C ASP A 190 -0.48 -15.12 0.41
N TRP A 191 0.78 -15.29 0.81
CA TRP A 191 1.60 -14.16 1.13
C TRP A 191 1.67 -13.20 -0.07
N VAL A 192 1.86 -13.74 -1.27
CA VAL A 192 2.23 -12.93 -2.42
C VAL A 192 1.01 -12.17 -2.98
N TYR A 193 -0.16 -12.81 -2.97
CA TYR A 193 -1.42 -12.14 -3.34
C TYR A 193 -1.72 -10.97 -2.37
N GLU A 194 -1.57 -11.22 -1.08
CA GLU A 194 -1.74 -10.13 -0.09
C GLU A 194 -0.78 -8.95 -0.33
N GLU A 195 0.51 -9.25 -0.44
CA GLU A 195 1.50 -8.21 -0.54
C GLU A 195 1.46 -7.51 -1.90
N GLU A 196 1.40 -8.29 -2.98
CA GLU A 196 1.60 -7.69 -4.31
C GLU A 196 0.31 -7.36 -5.04
N PHE A 197 -0.78 -8.08 -4.80
CA PHE A 197 -2.05 -7.70 -5.38
C PHE A 197 -2.87 -6.92 -4.40
N GLY A 198 -2.48 -6.82 -3.14
CA GLY A 198 -3.23 -6.01 -2.16
C GLY A 198 -4.55 -6.60 -1.66
N VAL A 199 -4.71 -7.91 -1.80
CA VAL A 199 -5.99 -8.57 -1.54
C VAL A 199 -5.82 -9.62 -0.43
N THR A 200 -6.64 -9.43 0.62
CA THR A 200 -6.75 -10.33 1.75
C THR A 200 -8.09 -11.09 1.75
N ASN A 201 -9.04 -10.64 0.95
CA ASN A 201 -10.39 -11.21 1.00
C ASN A 201 -10.93 -11.56 -0.38
N LEU A 202 -10.96 -12.84 -0.71
CA LEU A 202 -11.43 -13.30 -2.00
C LEU A 202 -12.76 -14.02 -1.75
N MET A 203 -13.64 -13.45 -0.91
CA MET A 203 -15.01 -13.95 -0.76
C MET A 203 -15.94 -12.84 -1.21
N SER A 204 -17.09 -13.18 -1.73
CA SER A 204 -18.07 -12.15 -2.07
C SER A 204 -19.48 -12.76 -2.06
N TRP A 205 -20.42 -12.04 -1.47
CA TRP A 205 -21.84 -12.41 -1.42
C TRP A 205 -22.64 -11.86 -2.59
N SER A 206 -23.53 -12.66 -3.18
CA SER A 206 -24.55 -12.15 -4.08
C SER A 206 -25.47 -11.10 -3.42
N ALA A 207 -25.97 -10.16 -4.23
CA ALA A 207 -26.86 -9.09 -3.76
C ALA A 207 -28.12 -9.63 -3.10
N ASP A 208 -28.57 -10.81 -3.51
CA ASP A 208 -29.81 -11.37 -2.94
C ASP A 208 -29.50 -12.32 -1.79
N ASN A 209 -28.26 -12.38 -1.32
CA ASN A 209 -27.85 -13.25 -0.19
C ASN A 209 -27.90 -14.74 -0.44
N ALA A 210 -28.05 -15.17 -1.70
CA ALA A 210 -28.20 -16.58 -2.01
C ALA A 210 -26.87 -17.31 -2.21
N PHE A 211 -25.84 -16.59 -2.64
CA PHE A 211 -24.53 -17.21 -2.91
C PHE A 211 -23.42 -16.52 -2.17
N LEU A 212 -22.47 -17.31 -1.69
CA LEU A 212 -21.17 -16.85 -1.26
C LEU A 212 -20.19 -17.40 -2.28
N ALA A 213 -19.57 -16.53 -3.06
CA ALA A 213 -18.49 -16.93 -3.97
C ALA A 213 -17.17 -16.84 -3.22
N PHE A 214 -16.24 -17.74 -3.54
CA PHE A 214 -14.90 -17.60 -2.99
C PHE A 214 -13.85 -18.20 -3.90
N VAL A 215 -12.60 -17.69 -3.78
CA VAL A 215 -11.43 -18.31 -4.39
C VAL A 215 -10.73 -19.20 -3.39
N ARG A 216 -10.29 -20.35 -3.88
CA ARG A 216 -9.54 -21.31 -3.13
C ARG A 216 -8.15 -21.25 -3.70
N SER A 217 -7.18 -20.89 -2.86
CA SER A 217 -5.77 -20.81 -3.26
C SER A 217 -5.03 -22.05 -2.72
N ASP A 218 -4.44 -22.81 -3.64
CA ASP A 218 -3.66 -24.01 -3.29
C ASP A 218 -2.16 -23.71 -3.42
N GLU A 219 -1.58 -23.58 -2.26
CA GLU A 219 -0.22 -23.15 -2.08
C GLU A 219 0.76 -24.33 -1.82
N SER A 220 0.21 -25.55 -1.92
CA SER A 220 0.93 -26.76 -1.53
C SER A 220 2.25 -26.97 -2.22
N ALA A 221 2.31 -26.61 -3.50
CA ALA A 221 3.50 -26.85 -4.30
C ALA A 221 4.40 -25.62 -4.38
N VAL A 222 4.00 -24.53 -3.73
CA VAL A 222 4.82 -23.33 -3.67
C VAL A 222 5.95 -23.59 -2.66
N PRO A 223 7.20 -23.23 -2.99
CA PRO A 223 8.28 -23.45 -2.04
C PRO A 223 8.14 -22.65 -0.76
N GLU A 224 8.72 -23.16 0.33
CA GLU A 224 8.67 -22.48 1.60
C GLU A 224 9.92 -21.64 1.80
N TYR A 225 9.80 -20.64 2.65
CA TYR A 225 10.94 -19.99 3.25
C TYR A 225 10.79 -20.20 4.78
N ARG A 226 11.93 -20.34 5.45
CA ARG A 226 11.99 -20.56 6.87
C ARG A 226 12.76 -19.46 7.45
N MET A 227 12.26 -18.82 8.50
CA MET A 227 13.02 -17.78 9.19
C MET A 227 13.25 -18.18 10.64
N PRO A 228 14.51 -18.39 11.02
CA PRO A 228 14.80 -18.69 12.41
C PRO A 228 14.44 -17.53 13.29
N MET A 229 13.63 -17.77 14.30
CA MET A 229 13.24 -16.77 15.30
C MET A 229 13.92 -17.09 16.64
N TYR A 230 14.51 -16.08 17.26
CA TYR A 230 15.41 -16.28 18.39
C TYR A 230 14.83 -15.87 19.75
N GLU A 231 13.91 -14.94 19.82
CA GLU A 231 13.55 -14.38 21.15
C GLU A 231 13.03 -15.41 22.11
N ASP A 232 13.55 -15.40 23.33
CA ASP A 232 13.01 -16.16 24.45
C ASP A 232 12.85 -17.65 24.15
N LYS A 233 13.66 -18.17 23.24
CA LYS A 233 13.66 -19.60 22.96
C LYS A 233 14.98 -20.30 23.25
N LEU A 234 14.91 -21.42 23.93
CA LEU A 234 16.09 -22.26 24.13
C LEU A 234 16.66 -22.71 22.79
N TYR A 235 15.82 -23.25 21.94
CA TYR A 235 16.15 -23.58 20.55
C TYR A 235 15.37 -22.67 19.59
N PRO A 236 16.04 -22.18 18.54
CA PRO A 236 15.30 -21.29 17.65
C PRO A 236 14.12 -22.01 16.92
N GLU A 237 13.08 -21.25 16.62
CA GLU A 237 11.94 -21.79 15.93
C GLU A 237 11.70 -21.05 14.65
N ASP A 238 11.42 -21.82 13.60
CA ASP A 238 11.32 -21.21 12.29
C ASP A 238 9.92 -20.70 12.09
N TYR A 239 9.82 -19.43 11.65
CA TYR A 239 8.60 -18.99 11.02
C TYR A 239 8.64 -19.47 9.56
N THR A 240 7.70 -20.37 9.24
CA THR A 240 7.63 -21.07 7.97
C THR A 240 6.35 -20.69 7.21
N TYR A 241 6.53 -20.31 5.95
CA TYR A 241 5.42 -19.83 5.14
C TYR A 241 5.82 -20.00 3.67
N LYS A 242 4.84 -20.05 2.77
CA LYS A 242 5.10 -20.19 1.32
C LYS A 242 5.31 -18.83 0.65
N TYR A 243 6.42 -18.79 -0.10
CA TYR A 243 6.96 -17.60 -0.77
C TYR A 243 7.57 -18.06 -2.11
N PRO A 244 6.86 -17.80 -3.21
CA PRO A 244 7.36 -18.04 -4.55
C PRO A 244 8.34 -16.95 -5.04
N LYS A 245 9.60 -17.32 -5.27
CA LYS A 245 10.53 -16.36 -5.81
C LYS A 245 10.30 -16.29 -7.32
N ALA A 246 11.02 -15.39 -7.99
CA ALA A 246 10.76 -15.10 -9.40
C ALA A 246 10.87 -16.38 -10.24
N GLY A 247 9.79 -16.69 -10.96
CA GLY A 247 9.81 -17.84 -11.84
C GLY A 247 9.35 -19.14 -11.19
N GLU A 248 9.03 -19.11 -9.88
CA GLU A 248 8.64 -20.33 -9.20
C GLU A 248 7.14 -20.55 -9.23
N LYS A 249 6.71 -21.69 -8.72
CA LYS A 249 5.28 -21.99 -8.71
C LYS A 249 4.48 -21.07 -7.79
N ASN A 250 3.43 -20.45 -8.33
CA ASN A 250 2.47 -19.67 -7.51
C ASN A 250 1.35 -20.57 -7.00
N SER A 251 0.50 -20.06 -6.11
CA SER A 251 -0.70 -20.84 -5.76
C SER A 251 -1.50 -21.13 -7.03
N THR A 252 -2.09 -22.32 -7.12
CA THR A 252 -3.14 -22.53 -8.11
C THR A 252 -4.49 -22.12 -7.47
N VAL A 253 -5.27 -21.33 -8.23
CA VAL A 253 -6.52 -20.76 -7.77
C VAL A 253 -7.76 -21.36 -8.48
N SER A 254 -8.80 -21.59 -7.69
CA SER A 254 -10.07 -22.10 -8.20
C SER A 254 -11.21 -21.28 -7.58
N LEU A 255 -12.28 -21.09 -8.35
CA LEU A 255 -13.41 -20.25 -8.00
C LEU A 255 -14.63 -21.11 -7.73
N HIS A 256 -15.29 -20.83 -6.63
CA HIS A 256 -16.38 -21.64 -6.13
C HIS A 256 -17.53 -20.75 -5.72
N LEU A 257 -18.73 -21.28 -5.95
CA LEU A 257 -19.97 -20.67 -5.48
C LEU A 257 -20.66 -21.62 -4.52
N TYR A 258 -20.88 -21.16 -3.31
CA TYR A 258 -21.66 -21.85 -2.32
C TYR A 258 -23.08 -21.26 -2.27
N ASN A 259 -24.06 -22.15 -2.44
CA ASN A 259 -25.45 -21.80 -2.42
C ASN A 259 -25.93 -22.02 -1.01
N VAL A 260 -26.31 -20.94 -0.32
CA VAL A 260 -26.64 -20.99 1.10
C VAL A 260 -27.83 -21.90 1.38
N ALA A 261 -28.88 -21.76 0.58
CA ALA A 261 -30.09 -22.57 0.71
C ALA A 261 -29.81 -24.04 0.52
N ASP A 262 -29.01 -24.41 -0.49
CA ASP A 262 -28.73 -25.83 -0.80
C ASP A 262 -27.52 -26.36 -0.04
N ARG A 263 -26.75 -25.48 0.57
CA ARG A 263 -25.57 -25.88 1.30
C ARG A 263 -24.69 -26.78 0.45
N ASN A 264 -24.42 -26.35 -0.76
CA ASN A 264 -23.70 -27.14 -1.73
C ASN A 264 -22.81 -26.16 -2.51
N THR A 265 -21.70 -26.65 -3.06
CA THR A 265 -20.72 -25.80 -3.73
C THR A 265 -20.48 -26.25 -5.16
N LYS A 266 -20.29 -25.30 -6.07
CA LYS A 266 -19.99 -25.61 -7.45
C LYS A 266 -18.69 -24.88 -7.83
N SER A 267 -17.97 -25.45 -8.78
CA SER A 267 -16.76 -24.84 -9.28
C SER A 267 -17.05 -24.05 -10.54
N VAL A 268 -16.30 -22.99 -10.80
CA VAL A 268 -16.49 -22.26 -12.04
C VAL A 268 -15.28 -22.55 -12.90
N SER A 269 -15.50 -23.02 -14.12
CA SER A 269 -14.43 -23.13 -15.12
C SER A 269 -14.26 -21.79 -15.73
N LEU A 270 -13.06 -21.24 -15.65
CA LEU A 270 -12.76 -19.98 -16.26
C LEU A 270 -11.86 -20.23 -17.42
N PRO A 271 -12.08 -19.55 -18.55
CA PRO A 271 -11.18 -19.86 -19.66
C PRO A 271 -9.83 -19.16 -19.53
N ILE A 272 -9.11 -19.41 -18.45
CA ILE A 272 -7.78 -18.79 -18.28
C ILE A 272 -6.68 -19.81 -18.13
N ASP A 273 -5.43 -19.36 -18.13
CA ASP A 273 -4.28 -20.26 -18.11
C ASP A 273 -4.16 -20.84 -16.74
N ALA A 274 -3.50 -22.00 -16.66
CA ALA A 274 -3.31 -22.69 -15.41
C ALA A 274 -2.32 -21.97 -14.48
N ASP A 275 -1.54 -21.02 -15.00
CA ASP A 275 -0.66 -20.28 -14.12
C ASP A 275 -1.09 -18.80 -14.05
N GLY A 276 -2.38 -18.56 -14.15
CA GLY A 276 -2.94 -17.22 -14.13
C GLY A 276 -3.28 -16.81 -12.71
N TYR A 277 -3.79 -15.61 -12.61
CA TYR A 277 -4.07 -15.05 -11.31
C TYR A 277 -5.52 -14.70 -11.28
N ILE A 278 -6.13 -14.79 -10.11
CA ILE A 278 -7.46 -14.18 -9.86
C ILE A 278 -7.25 -13.25 -8.64
N PRO A 279 -6.92 -11.98 -8.91
CA PRO A 279 -6.59 -11.05 -7.84
C PRO A 279 -7.76 -10.39 -7.18
N ARG A 280 -8.93 -10.52 -7.77
CA ARG A 280 -10.17 -10.05 -7.16
C ARG A 280 -11.38 -10.76 -7.74
N ILE A 281 -12.36 -10.99 -6.89
CA ILE A 281 -13.71 -11.29 -7.32
C ILE A 281 -14.64 -10.37 -6.57
N ALA A 282 -15.81 -10.09 -7.17
CA ALA A 282 -16.86 -9.30 -6.55
C ALA A 282 -18.15 -9.42 -7.32
N PHE A 283 -19.19 -9.82 -6.61
CA PHE A 283 -20.53 -9.69 -7.12
C PHE A 283 -20.82 -8.21 -7.29
N THR A 284 -21.57 -7.89 -8.34
CA THR A 284 -21.98 -6.51 -8.55
C THR A 284 -23.27 -6.26 -7.78
N ASP A 285 -24.02 -5.24 -8.12
CA ASP A 285 -25.35 -5.05 -7.54
C ASP A 285 -26.43 -5.89 -8.20
N ASN A 286 -26.18 -6.53 -9.36
CA ASN A 286 -27.10 -7.56 -9.89
C ASN A 286 -26.74 -8.88 -9.25
N ALA A 287 -27.75 -9.52 -8.68
CA ALA A 287 -27.60 -10.85 -8.09
C ALA A 287 -27.04 -11.88 -9.06
N ASP A 288 -27.18 -11.65 -10.37
CA ASP A 288 -26.77 -12.60 -11.42
C ASP A 288 -25.36 -12.39 -12.00
N GLU A 289 -24.62 -11.42 -11.47
CA GLU A 289 -23.30 -11.04 -11.99
C GLU A 289 -22.17 -11.15 -10.98
N LEU A 290 -21.45 -12.26 -11.01
CA LEU A 290 -20.17 -12.38 -10.28
C LEU A 290 -19.03 -11.86 -11.15
N ALA A 291 -18.44 -10.74 -10.75
CA ALA A 291 -17.29 -10.26 -11.53
C ALA A 291 -16.06 -10.97 -11.04
N VAL A 292 -15.29 -11.48 -12.00
CA VAL A 292 -14.04 -12.20 -11.73
C VAL A 292 -12.88 -11.55 -12.48
N MET A 293 -11.92 -11.03 -11.75
CA MET A 293 -10.77 -10.37 -12.37
C MET A 293 -9.65 -11.36 -12.52
N THR A 294 -9.17 -11.46 -13.74
CA THR A 294 -8.10 -12.40 -14.04
C THR A 294 -6.96 -11.72 -14.74
N LEU A 295 -5.81 -12.34 -14.60
CA LEU A 295 -4.60 -11.79 -15.12
C LEU A 295 -3.73 -12.95 -15.47
N ASN A 296 -3.10 -12.92 -16.65
CA ASN A 296 -2.12 -13.95 -16.98
C ASN A 296 -0.79 -13.81 -16.25
N ARG A 297 0.03 -14.84 -16.33
CA ARG A 297 1.30 -14.87 -15.63
C ARG A 297 2.22 -13.71 -16.04
N LEU A 298 2.27 -13.37 -17.32
CA LEU A 298 3.03 -12.19 -17.77
C LEU A 298 2.43 -10.87 -17.32
N GLN A 299 1.19 -10.89 -16.83
CA GLN A 299 0.56 -9.70 -16.31
C GLN A 299 0.41 -8.58 -17.36
N ASN A 300 0.31 -8.94 -18.64
CA ASN A 300 0.00 -7.98 -19.69
C ASN A 300 -1.38 -8.12 -20.31
N ASP A 301 -2.16 -9.07 -19.80
CA ASP A 301 -3.53 -9.30 -20.31
C ASP A 301 -4.52 -9.45 -19.16
N PHE A 302 -5.20 -8.35 -18.84
CA PHE A 302 -6.23 -8.32 -17.78
C PHE A 302 -7.59 -8.59 -18.41
N LYS A 303 -8.26 -9.65 -17.96
CA LYS A 303 -9.57 -9.98 -18.45
C LYS A 303 -10.53 -10.13 -17.25
N MET A 304 -11.66 -9.43 -17.32
CA MET A 304 -12.74 -9.54 -16.33
C MET A 304 -13.93 -10.28 -16.92
N TYR A 305 -14.37 -11.32 -16.22
CA TYR A 305 -15.59 -12.02 -16.63
C TYR A 305 -16.71 -11.73 -15.65
N TYR A 306 -17.94 -11.78 -16.16
CA TYR A 306 -19.13 -11.85 -15.32
C TYR A 306 -19.57 -13.29 -15.40
N VAL A 307 -19.72 -13.92 -14.24
CA VAL A 307 -20.21 -15.28 -14.18
C VAL A 307 -21.59 -15.22 -13.59
N HIS A 308 -22.53 -15.91 -14.24
CA HIS A 308 -23.83 -16.13 -13.72
C HIS A 308 -23.75 -17.22 -12.66
N PRO A 309 -24.20 -16.92 -11.45
CA PRO A 309 -23.98 -17.89 -10.38
C PRO A 309 -24.80 -19.19 -10.45
N LYS A 310 -25.84 -19.28 -11.28
CA LYS A 310 -26.56 -20.56 -11.44
C LYS A 310 -26.10 -21.37 -12.64
N SER A 311 -25.92 -20.75 -13.78
CA SER A 311 -25.45 -21.49 -14.95
C SER A 311 -23.95 -21.72 -14.91
N LEU A 312 -23.24 -20.89 -14.12
CA LEU A 312 -21.79 -20.97 -14.00
C LEU A 312 -21.10 -20.58 -15.30
N VAL A 313 -21.83 -20.00 -16.23
CA VAL A 313 -21.24 -19.57 -17.48
C VAL A 313 -20.51 -18.22 -17.29
N PRO A 314 -19.23 -18.17 -17.68
CA PRO A 314 -18.48 -16.92 -17.60
C PRO A 314 -18.64 -16.18 -18.91
N LYS A 315 -18.71 -14.86 -18.87
CA LYS A 315 -18.78 -14.03 -20.06
C LYS A 315 -17.68 -12.97 -19.95
N LEU A 316 -16.87 -12.84 -21.00
CA LEU A 316 -15.83 -11.84 -20.99
C LEU A 316 -16.50 -10.50 -21.10
N ILE A 317 -16.11 -9.55 -20.25
CA ILE A 317 -16.72 -8.23 -20.19
C ILE A 317 -15.71 -7.13 -20.37
N LEU A 318 -14.46 -7.33 -19.98
CA LEU A 318 -13.47 -6.27 -20.15
C LEU A 318 -12.16 -6.92 -20.40
N GLN A 319 -11.42 -6.37 -21.36
CA GLN A 319 -10.06 -6.82 -21.62
C GLN A 319 -9.10 -5.64 -21.76
N ASP A 320 -8.00 -5.68 -21.02
CA ASP A 320 -7.03 -4.62 -21.08
C ASP A 320 -5.70 -5.26 -21.30
N MET A 321 -5.14 -5.05 -22.47
CA MET A 321 -3.81 -5.59 -22.83
C MET A 321 -2.81 -4.47 -22.90
N ASN A 322 -1.61 -4.69 -22.41
CA ASN A 322 -0.58 -3.70 -22.43
C ASN A 322 0.67 -4.28 -23.09
N LYS A 323 1.47 -3.43 -23.74
CA LYS A 323 2.80 -3.89 -24.27
C LYS A 323 3.71 -4.43 -23.21
N ARG A 324 3.73 -3.82 -22.04
CA ARG A 324 4.61 -4.30 -20.97
C ARG A 324 3.84 -4.98 -19.85
N TYR A 325 2.98 -4.26 -19.13
CA TYR A 325 2.13 -4.90 -18.12
C TYR A 325 0.95 -4.04 -17.75
N VAL A 326 -0.12 -4.70 -17.29
CA VAL A 326 -1.25 -4.05 -16.66
C VAL A 326 -1.00 -3.93 -15.15
N ASP A 327 -1.27 -2.75 -14.60
CA ASP A 327 -0.95 -2.52 -13.21
C ASP A 327 -2.16 -3.03 -12.40
N SER A 328 -1.90 -4.06 -11.62
CA SER A 328 -2.95 -4.70 -10.85
C SER A 328 -3.66 -3.76 -9.81
N ASP A 329 -3.01 -2.70 -9.37
CA ASP A 329 -3.68 -1.75 -8.49
C ASP A 329 -4.94 -1.19 -9.16
N TRP A 330 -4.94 -1.06 -10.48
CA TRP A 330 -6.12 -0.57 -11.16
C TRP A 330 -7.19 -1.69 -11.28
N ILE A 331 -6.76 -2.94 -11.19
CA ILE A 331 -7.68 -4.08 -11.19
C ILE A 331 -8.37 -4.03 -9.83
N GLN A 332 -7.60 -3.79 -8.78
CA GLN A 332 -8.20 -3.80 -7.43
C GLN A 332 -9.10 -2.65 -7.21
N ALA A 333 -8.84 -1.57 -7.94
CA ALA A 333 -9.52 -0.30 -7.69
C ALA A 333 -10.65 -0.06 -8.75
N LEU A 334 -10.88 -1.01 -9.66
CA LEU A 334 -12.01 -0.92 -10.61
C LEU A 334 -13.35 -0.72 -9.85
N LYS A 335 -14.18 0.25 -10.24
CA LYS A 335 -15.36 0.59 -9.44
C LYS A 335 -16.62 0.30 -10.19
N PHE A 336 -17.47 -0.55 -9.61
CA PHE A 336 -18.77 -0.84 -10.19
C PHE A 336 -19.79 0.27 -9.99
N THR A 337 -20.70 0.42 -10.94
CA THR A 337 -21.73 1.42 -10.87
C THR A 337 -23.09 0.80 -10.51
N ALA A 338 -23.85 1.46 -9.60
CA ALA A 338 -25.26 1.14 -9.29
C ALA A 338 -25.96 1.13 -10.63
N GLY A 339 -26.45 -0.02 -11.09
CA GLY A 339 -26.71 -0.26 -12.52
C GLY A 339 -25.41 -0.79 -13.10
N GLY A 340 -25.29 -2.12 -13.19
CA GLY A 340 -23.98 -2.86 -13.13
C GLY A 340 -22.81 -2.68 -14.11
N GLY A 341 -22.69 -1.51 -14.76
CA GLY A 341 -21.45 -1.12 -15.47
C GLY A 341 -20.35 -0.74 -14.47
N PHE A 342 -19.31 -0.03 -14.90
CA PHE A 342 -18.16 0.21 -14.02
C PHE A 342 -17.18 1.23 -14.59
N ALA A 343 -16.33 1.74 -13.71
CA ALA A 343 -15.36 2.75 -14.08
C ALA A 343 -14.01 2.11 -13.92
N TYR A 344 -13.15 2.20 -14.93
CA TYR A 344 -11.84 1.51 -14.90
C TYR A 344 -10.76 2.45 -15.44
N VAL A 345 -9.62 2.42 -14.80
CA VAL A 345 -8.48 3.24 -15.16
C VAL A 345 -7.54 2.35 -15.93
N SER A 346 -7.20 2.76 -17.14
CA SER A 346 -6.32 2.00 -18.03
C SER A 346 -5.18 2.90 -18.46
N GLU A 347 -3.99 2.34 -18.66
CA GLU A 347 -2.83 3.12 -19.19
C GLU A 347 -2.66 3.03 -20.70
N LYS A 348 -3.68 2.47 -21.35
CA LYS A 348 -3.72 2.27 -22.78
C LYS A 348 -2.97 3.34 -23.60
N ASP A 349 -3.32 4.60 -23.38
CA ASP A 349 -2.92 5.67 -24.26
C ASP A 349 -1.69 6.38 -23.76
N GLY A 350 -1.05 5.85 -22.73
CA GLY A 350 0.26 6.37 -22.31
C GLY A 350 0.23 7.07 -20.98
N PHE A 351 -0.99 7.25 -20.46
CA PHE A 351 -1.24 7.84 -19.16
C PHE A 351 -2.42 7.16 -18.53
N ALA A 352 -2.54 7.25 -17.21
CA ALA A 352 -3.61 6.57 -16.48
C ALA A 352 -4.91 7.39 -16.54
N HIS A 353 -5.96 6.84 -17.14
CA HIS A 353 -7.17 7.63 -17.40
C HIS A 353 -8.39 6.80 -17.19
N ILE A 354 -9.50 7.47 -16.92
CA ILE A 354 -10.73 6.78 -16.57
C ILE A 354 -11.62 6.54 -17.76
N TYR A 355 -12.08 5.29 -17.86
CA TYR A 355 -13.00 4.84 -18.87
C TYR A 355 -14.28 4.27 -18.22
N LEU A 356 -15.43 4.56 -18.84
CA LEU A 356 -16.72 4.21 -18.26
C LEU A 356 -17.42 3.18 -19.13
N TYR A 357 -17.90 2.11 -18.52
CA TYR A 357 -18.47 0.98 -19.27
C TYR A 357 -19.87 0.63 -18.76
N ASP A 358 -20.72 0.09 -19.62
CA ASP A 358 -21.98 -0.52 -19.20
C ASP A 358 -21.78 -1.98 -18.78
N ASN A 359 -22.88 -2.63 -18.39
CA ASN A 359 -22.80 -4.01 -17.87
C ASN A 359 -22.62 -5.04 -18.97
N LYS A 360 -22.62 -4.61 -20.22
CA LYS A 360 -22.33 -5.48 -21.33
C LYS A 360 -20.86 -5.30 -21.75
N GLY A 361 -20.14 -4.45 -21.04
CA GLY A 361 -18.74 -4.24 -21.38
C GLY A 361 -18.52 -3.17 -22.44
N VAL A 362 -19.59 -2.45 -22.79
CA VAL A 362 -19.52 -1.40 -23.83
C VAL A 362 -18.90 -0.14 -23.22
N MET A 363 -17.77 0.31 -23.76
CA MET A 363 -17.11 1.50 -23.24
C MET A 363 -17.79 2.73 -23.87
N HIS A 364 -18.64 3.40 -23.13
CA HIS A 364 -19.45 4.48 -23.73
C HIS A 364 -18.95 5.92 -23.50
N ARG A 365 -18.13 6.14 -22.49
CA ARG A 365 -17.62 7.48 -22.28
C ARG A 365 -16.21 7.41 -21.65
N ARG A 366 -15.23 7.90 -22.39
CA ARG A 366 -13.91 8.15 -21.81
C ARG A 366 -14.04 9.39 -20.93
N ILE A 367 -13.54 9.31 -19.70
CA ILE A 367 -13.77 10.39 -18.71
C ILE A 367 -12.65 11.40 -18.62
N THR A 368 -11.42 10.94 -18.51
CA THR A 368 -10.27 11.84 -18.43
C THR A 368 -9.29 11.67 -19.59
N SER A 369 -8.54 12.75 -19.85
CA SER A 369 -7.59 12.90 -20.98
C SER A 369 -6.48 13.83 -20.62
N GLY A 370 -5.32 13.65 -21.23
CA GLY A 370 -4.26 14.66 -21.14
C GLY A 370 -2.95 14.09 -20.70
N ASN A 371 -1.94 14.95 -20.67
CA ASN A 371 -0.60 14.48 -20.28
C ASN A 371 -0.36 14.47 -18.78
N TRP A 372 -1.15 13.68 -18.08
CA TRP A 372 -1.07 13.55 -16.62
C TRP A 372 -1.79 12.24 -16.21
N ASP A 373 -1.53 11.77 -14.98
CA ASP A 373 -2.06 10.49 -14.51
C ASP A 373 -3.13 10.70 -13.47
N VAL A 374 -4.25 9.98 -13.64
CA VAL A 374 -5.15 9.69 -12.55
C VAL A 374 -4.34 8.83 -11.58
N THR A 375 -4.56 9.04 -10.28
CA THR A 375 -3.81 8.38 -9.21
C THR A 375 -4.70 7.56 -8.28
N LYS A 376 -6.02 7.87 -8.26
CA LYS A 376 -7.06 7.12 -7.50
C LYS A 376 -8.45 7.35 -8.10
N LEU A 377 -9.26 6.31 -8.10
CA LEU A 377 -10.62 6.39 -8.60
C LEU A 377 -11.53 6.16 -7.40
N TYR A 378 -12.39 7.14 -7.06
CA TYR A 378 -13.29 7.00 -5.90
C TYR A 378 -14.59 6.37 -6.32
N GLY A 379 -15.22 6.90 -7.36
CA GLY A 379 -16.46 6.32 -7.82
C GLY A 379 -17.32 7.23 -8.65
N VAL A 380 -18.55 6.77 -8.89
CA VAL A 380 -19.45 7.37 -9.80
C VAL A 380 -20.75 7.56 -9.00
N ASP A 381 -21.27 8.77 -8.85
CA ASP A 381 -22.55 8.94 -8.15
C ASP A 381 -23.79 8.70 -9.02
N ALA A 382 -24.96 8.88 -8.43
CA ALA A 382 -26.18 8.56 -9.06
C ALA A 382 -26.44 9.51 -10.23
N SER A 383 -25.83 10.68 -10.28
CA SER A 383 -25.92 11.51 -11.48
C SER A 383 -24.90 11.22 -12.59
N GLY A 384 -24.15 10.12 -12.45
CA GLY A 384 -23.03 9.80 -13.35
C GLY A 384 -21.82 10.71 -13.22
N THR A 385 -21.76 11.52 -12.16
CA THR A 385 -20.54 12.30 -11.92
C THR A 385 -19.45 11.37 -11.41
N VAL A 386 -18.26 11.44 -12.05
CA VAL A 386 -17.09 10.62 -11.70
C VAL A 386 -16.13 11.39 -10.80
N PHE A 387 -15.78 10.76 -9.70
CA PHE A 387 -14.95 11.39 -8.68
C PHE A 387 -13.62 10.67 -8.64
N TYR A 388 -12.54 11.44 -8.71
CA TYR A 388 -11.23 10.84 -8.69
C TYR A 388 -10.17 11.77 -8.08
N GLN A 389 -8.98 11.19 -7.93
CA GLN A 389 -7.74 11.89 -7.61
C GLN A 389 -6.76 11.79 -8.79
N SER A 390 -6.01 12.86 -9.03
CA SER A 390 -4.97 12.85 -10.06
C SER A 390 -3.77 13.74 -9.72
N ALA A 391 -2.73 13.65 -10.56
CA ALA A 391 -1.58 14.53 -10.47
C ALA A 391 -1.62 15.55 -11.60
N GLU A 392 -2.81 15.97 -12.02
CA GLU A 392 -2.94 16.92 -13.12
C GLU A 392 -2.19 18.25 -12.82
N GLU A 393 -2.18 18.71 -11.57
CA GLU A 393 -1.47 19.93 -11.21
C GLU A 393 0.06 19.78 -11.37
N SER A 394 0.57 18.68 -10.88
CA SER A 394 2.00 18.36 -10.90
C SER A 394 2.16 16.91 -10.46
N PRO A 395 3.19 16.20 -10.96
CA PRO A 395 3.50 14.86 -10.44
C PRO A 395 3.69 14.82 -8.91
N ILE A 396 4.01 15.97 -8.34
CA ILE A 396 4.37 16.14 -6.96
C ILE A 396 3.13 16.28 -6.09
N ARG A 397 1.98 16.55 -6.71
CA ARG A 397 0.77 16.90 -5.96
C ARG A 397 -0.40 15.98 -6.25
N ARG A 398 -1.44 16.07 -5.42
CA ARG A 398 -2.63 15.28 -5.56
C ARG A 398 -3.84 16.13 -5.22
N ALA A 399 -4.82 16.12 -6.12
CA ALA A 399 -6.03 16.86 -5.92
C ALA A 399 -7.21 15.96 -6.30
N VAL A 400 -8.37 16.28 -5.76
CA VAL A 400 -9.58 15.52 -5.98
C VAL A 400 -10.41 16.30 -6.98
N TYR A 401 -10.94 15.59 -7.95
CA TYR A 401 -11.72 16.18 -9.00
C TYR A 401 -13.07 15.49 -9.17
N ALA A 402 -13.97 16.25 -9.78
CA ALA A 402 -15.27 15.76 -10.22
C ALA A 402 -15.45 16.05 -11.72
N ILE A 403 -15.87 15.06 -12.48
CA ILE A 403 -16.23 15.29 -13.89
C ILE A 403 -17.66 14.79 -14.05
N ASP A 404 -18.58 15.72 -14.34
CA ASP A 404 -20.01 15.42 -14.48
C ASP A 404 -20.30 14.87 -15.88
N ALA A 405 -21.56 14.45 -16.09
CA ALA A 405 -21.95 13.69 -17.27
C ALA A 405 -21.99 14.56 -18.51
N LYS A 406 -21.83 15.86 -18.36
CA LYS A 406 -21.65 16.77 -19.51
C LYS A 406 -20.18 17.07 -19.76
N GLY A 407 -19.29 16.35 -19.09
CA GLY A 407 -17.85 16.50 -19.28
C GLY A 407 -17.25 17.66 -18.52
N ARG A 408 -17.99 18.34 -17.63
CA ARG A 408 -17.42 19.46 -16.87
C ARG A 408 -16.58 18.96 -15.70
N LYS A 409 -15.36 19.47 -15.60
CA LYS A 409 -14.38 19.05 -14.60
C LYS A 409 -14.29 20.14 -13.58
N THR A 410 -14.42 19.82 -12.32
CA THR A 410 -14.16 20.79 -11.26
C THR A 410 -13.11 20.15 -10.35
N LYS A 411 -12.07 20.93 -10.03
CA LYS A 411 -11.17 20.60 -8.96
C LYS A 411 -11.90 20.93 -7.67
N LEU A 412 -12.09 19.90 -6.85
CA LEU A 412 -12.77 19.98 -5.56
C LEU A 412 -11.83 20.37 -4.44
N SER A 413 -10.57 20.07 -4.58
CA SER A 413 -9.60 20.45 -3.55
C SER A 413 -9.45 21.97 -3.49
N LEU A 414 -9.39 22.49 -2.27
CA LEU A 414 -9.29 23.93 -2.07
C LEU A 414 -7.85 24.33 -1.83
N ASN A 415 -7.05 23.44 -1.25
CA ASN A 415 -5.65 23.73 -0.98
C ASN A 415 -4.77 22.85 -1.81
N VAL A 416 -3.63 23.42 -2.17
CA VAL A 416 -2.66 22.79 -3.03
C VAL A 416 -1.59 22.05 -2.19
N GLY A 417 -1.37 20.79 -2.56
CA GLY A 417 -0.40 19.88 -1.91
C GLY A 417 -0.81 18.45 -2.24
N THR A 418 -1.38 17.76 -1.25
CA THR A 418 -1.87 16.39 -1.38
C THR A 418 -3.26 16.34 -0.72
N ASN A 419 -4.26 15.88 -1.47
CA ASN A 419 -5.63 15.75 -1.01
C ASN A 419 -6.08 14.35 -1.32
N ASP A 420 -6.75 13.74 -0.35
CA ASP A 420 -7.32 12.43 -0.53
C ASP A 420 -8.65 12.40 0.22
N ALA A 421 -9.64 11.75 -0.39
CA ALA A 421 -10.97 11.81 0.16
C ALA A 421 -11.60 10.45 0.35
N LEU A 422 -12.52 10.43 1.33
CA LEU A 422 -13.38 9.36 1.61
C LEU A 422 -14.81 9.90 1.46
N PHE A 423 -15.48 9.41 0.42
CA PHE A 423 -16.80 9.87 0.09
C PHE A 423 -17.88 9.15 0.90
N SER A 424 -18.92 9.88 1.18
CA SER A 424 -20.17 9.33 1.69
C SER A 424 -20.79 8.40 0.65
N GLY A 425 -21.74 7.61 1.10
CA GLY A 425 -22.42 6.65 0.28
C GLY A 425 -22.98 7.21 -0.99
N ASN A 426 -23.57 8.40 -0.92
CA ASN A 426 -24.16 9.07 -2.11
C ASN A 426 -23.20 10.02 -2.85
N TYR A 427 -21.97 10.13 -2.34
CA TYR A 427 -20.96 11.11 -2.83
C TYR A 427 -21.36 12.59 -2.65
N ALA A 428 -22.42 12.84 -1.93
CA ALA A 428 -22.81 14.21 -1.64
C ALA A 428 -21.83 14.89 -0.67
N TYR A 429 -21.09 14.09 0.08
CA TYR A 429 -20.09 14.64 1.01
C TYR A 429 -18.79 13.83 0.96
N TYR A 430 -17.71 14.42 1.49
CA TYR A 430 -16.48 13.65 1.69
C TYR A 430 -15.65 14.21 2.82
N ILE A 431 -14.92 13.30 3.45
CA ILE A 431 -13.91 13.64 4.45
C ILE A 431 -12.60 13.68 3.69
N ASN A 432 -12.05 14.90 3.60
CA ASN A 432 -10.81 15.19 2.91
C ASN A 432 -9.65 15.21 3.88
N THR A 433 -8.53 14.63 3.49
CA THR A 433 -7.27 14.82 4.21
C THR A 433 -6.33 15.62 3.30
N TYR A 434 -5.88 16.78 3.78
CA TYR A 434 -4.99 17.62 3.03
C TYR A 434 -3.68 17.78 3.79
N SER A 435 -2.55 17.73 3.07
CA SER A 435 -1.28 18.16 3.66
C SER A 435 -0.43 18.75 2.56
N SER A 436 0.60 19.50 2.95
CA SER A 436 1.68 19.95 2.06
C SER A 436 3.04 19.70 2.70
N ALA A 437 4.10 19.89 1.92
CA ALA A 437 5.44 19.76 2.46
C ALA A 437 5.55 20.54 3.76
N ALA A 438 4.96 21.73 3.79
CA ALA A 438 5.04 22.62 4.94
C ALA A 438 3.98 22.28 5.95
N THR A 439 2.77 21.96 5.51
CA THR A 439 1.60 21.85 6.41
C THR A 439 1.12 20.42 6.74
N PRO A 440 1.08 20.07 8.04
CA PRO A 440 0.55 18.72 8.41
C PRO A 440 -0.95 18.61 8.21
N THR A 441 -1.48 17.38 8.31
CA THR A 441 -2.85 17.07 7.92
C THR A 441 -3.93 18.01 8.44
N VAL A 442 -4.75 18.46 7.49
CA VAL A 442 -6.03 19.08 7.73
C VAL A 442 -7.07 18.08 7.22
N VAL A 443 -7.79 17.48 8.18
CA VAL A 443 -8.90 16.60 7.85
C VAL A 443 -10.16 17.41 8.05
N SER A 444 -10.88 17.63 6.95
CA SER A 444 -12.03 18.51 6.97
C SER A 444 -13.12 17.89 6.13
N VAL A 445 -14.36 18.26 6.39
CA VAL A 445 -15.51 17.66 5.70
C VAL A 445 -16.10 18.62 4.66
N PHE A 446 -16.34 18.11 3.45
CA PHE A 446 -16.83 18.93 2.31
C PHE A 446 -18.22 18.42 1.86
N ARG A 447 -19.02 19.32 1.29
CA ARG A 447 -20.14 18.97 0.46
C ARG A 447 -19.67 19.04 -0.99
N SER A 448 -19.93 17.99 -1.77
CA SER A 448 -19.40 17.94 -3.13
C SER A 448 -20.00 19.08 -4.00
N LYS A 449 -21.31 19.33 -4.00
CA LYS A 449 -21.83 20.42 -4.83
C LYS A 449 -21.22 21.72 -4.41
N GLY A 450 -20.50 22.38 -5.32
CA GLY A 450 -19.85 23.65 -5.00
C GLY A 450 -18.56 23.54 -4.20
N ALA A 451 -18.12 22.30 -3.88
CA ALA A 451 -16.84 22.04 -3.23
C ALA A 451 -16.69 22.84 -1.92
N LYS A 452 -17.71 22.74 -1.10
CA LYS A 452 -17.91 23.64 0.04
C LYS A 452 -17.36 22.98 1.31
N GLU A 453 -16.36 23.63 1.93
CA GLU A 453 -15.76 23.13 3.17
C GLU A 453 -16.70 23.44 4.33
N LEU A 454 -17.20 22.41 5.01
CA LEU A 454 -18.22 22.56 6.01
C LEU A 454 -17.67 22.85 7.37
N ARG A 455 -16.57 22.15 7.68
CA ARG A 455 -15.91 22.20 8.99
C ARG A 455 -14.62 21.35 8.90
N THR A 456 -13.77 21.47 9.93
CA THR A 456 -12.50 20.78 10.02
C THR A 456 -12.52 19.86 11.23
N LEU A 457 -12.30 18.57 11.05
CA LEU A 457 -12.28 17.63 12.14
C LEU A 457 -10.94 17.68 12.88
N GLU A 458 -9.87 17.96 12.18
CA GLU A 458 -8.53 17.94 12.78
C GLU A 458 -7.64 18.80 11.92
N ASP A 459 -6.88 19.74 12.50
CA ASP A 459 -5.87 20.45 11.69
C ASP A 459 -4.53 20.62 12.39
N ASN A 460 -4.25 19.69 13.28
CA ASN A 460 -2.96 19.59 13.95
C ASN A 460 -2.41 20.89 14.50
N VAL A 461 -3.19 21.59 15.34
CA VAL A 461 -2.65 22.83 15.92
C VAL A 461 -1.36 22.59 16.66
N ALA A 462 -1.36 21.55 17.47
CA ALA A 462 -0.27 21.31 18.38
C ALA A 462 1.02 21.05 17.57
N LEU A 463 0.96 20.17 16.57
CA LEU A 463 2.11 19.88 15.78
C LEU A 463 2.58 21.14 15.09
N ARG A 464 1.64 21.97 14.63
CA ARG A 464 2.08 23.23 14.00
C ARG A 464 2.87 24.08 14.99
N GLU A 465 2.41 24.12 16.23
CA GLU A 465 3.09 24.95 17.22
C GLU A 465 4.43 24.33 17.55
N ARG A 466 4.50 23.01 17.64
CA ARG A 466 5.78 22.36 17.87
C ARG A 466 6.78 22.67 16.75
N LEU A 467 6.35 22.54 15.50
CA LEU A 467 7.16 22.90 14.36
C LEU A 467 7.73 24.28 14.50
N LYS A 468 6.90 25.25 14.88
CA LYS A 468 7.35 26.66 14.99
C LYS A 468 8.45 26.77 16.04
N ALA A 469 8.44 25.87 17.01
CA ALA A 469 9.39 25.90 18.11
C ALA A 469 10.79 25.45 17.71
N TYR A 470 10.88 24.65 16.64
CA TYR A 470 12.14 24.02 16.28
C TYR A 470 12.85 24.74 15.16
N ARG A 471 14.17 24.64 15.16
CA ARG A 471 14.94 25.15 14.07
C ARG A 471 15.10 24.04 13.01
N TYR A 472 14.47 24.28 11.86
CA TYR A 472 14.61 23.46 10.68
C TYR A 472 14.39 24.32 9.43
N ASN A 473 14.97 23.88 8.34
CA ASN A 473 14.83 24.53 7.05
C ASN A 473 13.77 23.81 6.25
N PRO A 474 13.02 24.55 5.41
CA PRO A 474 11.96 23.87 4.64
C PRO A 474 12.55 23.01 3.51
N LYS A 475 11.77 22.04 3.06
CA LYS A 475 12.08 21.33 1.84
C LYS A 475 11.92 22.31 0.71
N GLU A 476 12.95 22.49 -0.11
CA GLU A 476 12.84 23.34 -1.26
C GLU A 476 12.77 22.46 -2.49
N PHE A 477 11.64 22.54 -3.19
CA PHE A 477 11.41 21.74 -4.36
C PHE A 477 11.97 22.44 -5.56
N THR A 478 12.45 21.64 -6.50
CA THR A 478 13.05 22.08 -7.69
C THR A 478 13.27 20.87 -8.60
N ILE A 479 14.01 21.13 -9.68
CA ILE A 479 14.40 20.12 -10.64
C ILE A 479 15.89 19.99 -10.73
N ILE A 480 16.38 18.76 -10.77
CA ILE A 480 17.78 18.49 -11.00
C ILE A 480 17.95 18.23 -12.50
N LYS A 481 18.81 19.00 -13.15
CA LYS A 481 19.02 18.83 -14.61
C LYS A 481 20.22 17.92 -14.77
N THR A 482 20.05 16.79 -15.46
CA THR A 482 21.16 15.84 -15.65
C THR A 482 21.88 16.07 -16.96
N GLN A 483 23.10 15.55 -17.04
CA GLN A 483 23.87 15.63 -18.28
C GLN A 483 23.14 14.92 -19.42
N SER A 484 22.51 13.78 -19.10
CA SER A 484 21.63 13.07 -20.03
C SER A 484 20.39 13.85 -20.50
N ALA A 485 20.13 15.02 -19.93
CA ALA A 485 19.00 15.86 -20.28
C ALA A 485 17.67 15.35 -19.78
N LEU A 486 17.63 14.90 -18.55
CA LEU A 486 16.35 14.69 -17.89
C LEU A 486 16.17 15.80 -16.92
N GLU A 487 14.93 16.03 -16.55
CA GLU A 487 14.64 16.93 -15.46
C GLU A 487 13.91 16.13 -14.42
N LEU A 488 14.51 16.05 -13.23
CA LEU A 488 14.07 15.19 -12.15
C LEU A 488 13.55 16.02 -10.99
N ASN A 489 12.29 15.80 -10.64
CA ASN A 489 11.71 16.43 -9.50
C ASN A 489 12.50 16.04 -8.29
N ALA A 490 12.67 17.02 -7.40
CA ALA A 490 13.61 16.89 -6.31
C ALA A 490 13.31 17.83 -5.17
N TRP A 491 13.70 17.44 -3.96
CA TRP A 491 13.76 18.42 -2.89
C TRP A 491 15.11 18.48 -2.22
N ILE A 492 15.34 19.63 -1.59
CA ILE A 492 16.58 19.92 -0.91
C ILE A 492 16.25 20.61 0.40
N VAL A 493 16.89 20.11 1.46
CA VAL A 493 16.91 20.75 2.73
C VAL A 493 18.33 21.16 3.02
N LYS A 494 18.56 22.46 3.20
CA LYS A 494 19.90 22.96 3.40
C LYS A 494 20.25 22.83 4.84
N PRO A 495 21.55 22.83 5.15
CA PRO A 495 21.97 22.74 6.54
C PRO A 495 21.63 24.00 7.35
N ILE A 496 21.70 23.89 8.67
CA ILE A 496 21.26 24.91 9.59
C ILE A 496 21.93 26.28 9.42
N ASP A 497 23.22 26.43 9.58
CA ASP A 497 23.65 27.81 9.39
C ASP A 497 24.26 27.93 8.01
N PHE A 498 23.44 27.61 7.02
CA PHE A 498 23.87 27.45 5.63
C PHE A 498 24.64 28.67 5.15
N ASP A 499 25.84 28.40 4.70
CA ASP A 499 26.72 29.45 4.27
C ASP A 499 27.07 29.06 2.85
N PRO A 500 26.69 29.90 1.87
CA PRO A 500 26.89 29.60 0.46
C PRO A 500 28.35 29.44 0.09
N SER A 501 29.24 30.00 0.90
CA SER A 501 30.66 29.98 0.60
C SER A 501 31.33 28.76 1.17
N ARG A 502 30.56 27.85 1.74
CA ARG A 502 31.14 26.61 2.28
C ARG A 502 30.86 25.42 1.38
N HIS A 503 31.50 24.28 1.66
CA HIS A 503 31.35 23.05 0.87
C HIS A 503 30.77 21.93 1.71
N TYR A 504 29.47 21.74 1.63
CA TYR A 504 28.82 20.77 2.47
C TYR A 504 28.75 19.38 1.85
N PRO A 505 28.70 18.37 2.72
CA PRO A 505 28.31 17.03 2.30
C PRO A 505 26.82 16.98 1.99
N VAL A 506 26.47 16.08 1.08
CA VAL A 506 25.08 15.79 0.73
C VAL A 506 24.76 14.30 0.98
N LEU A 507 23.61 14.09 1.63
CA LEU A 507 23.01 12.79 1.63
C LEU A 507 21.87 12.80 0.65
N MET A 508 21.95 11.90 -0.32
CA MET A 508 20.80 11.68 -1.21
C MET A 508 19.92 10.56 -0.69
N VAL A 509 18.65 10.88 -0.61
CA VAL A 509 17.67 10.02 -0.02
C VAL A 509 16.72 9.63 -1.16
N GLN A 510 16.39 8.34 -1.26
CA GLN A 510 15.55 7.83 -2.40
C GLN A 510 14.91 6.44 -2.17
N TYR A 511 13.89 6.13 -2.95
CA TYR A 511 13.31 4.75 -2.98
C TYR A 511 13.44 4.17 -4.38
N SER A 512 12.91 4.86 -5.37
CA SER A 512 13.15 4.60 -6.79
C SER A 512 12.34 3.47 -7.45
N GLY A 513 11.54 2.74 -6.70
CA GLY A 513 10.75 1.65 -7.24
C GLY A 513 9.73 2.03 -8.30
N PRO A 514 9.23 1.04 -9.06
CA PRO A 514 8.26 1.26 -10.12
C PRO A 514 7.04 1.99 -9.64
N ASN A 515 6.75 3.12 -10.29
CA ASN A 515 5.62 3.98 -9.97
C ASN A 515 5.62 4.68 -8.60
N SER A 516 6.72 4.58 -7.86
CA SER A 516 6.81 5.18 -6.54
C SER A 516 7.23 6.67 -6.61
N GLN A 517 7.07 7.40 -5.52
CA GLN A 517 7.63 8.74 -5.43
C GLN A 517 8.07 9.07 -4.02
N GLN A 518 9.22 9.71 -3.89
CA GLN A 518 9.60 10.26 -2.62
C GLN A 518 9.55 11.77 -2.65
N VAL A 519 9.47 12.37 -3.86
CA VAL A 519 9.40 13.83 -4.01
C VAL A 519 7.93 14.24 -4.19
N LEU A 520 7.29 14.59 -3.08
CA LEU A 520 5.86 14.76 -3.04
C LEU A 520 5.57 15.95 -2.19
N ASP A 521 4.64 16.80 -2.63
CA ASP A 521 4.25 17.97 -1.85
C ASP A 521 3.25 17.53 -0.77
N ARG A 522 3.81 16.89 0.24
CA ARG A 522 3.05 16.15 1.21
C ARG A 522 3.76 16.22 2.51
N TYR A 523 3.05 16.16 3.63
CA TYR A 523 3.78 16.41 4.89
C TYR A 523 4.64 15.22 5.32
N SER A 524 5.84 15.51 5.79
CA SER A 524 6.71 14.47 6.30
C SER A 524 7.82 15.13 7.06
N PHE A 525 8.11 14.68 8.28
CA PHE A 525 9.20 15.28 9.08
C PHE A 525 10.06 14.17 9.59
N ASP A 526 11.11 13.88 8.85
CA ASP A 526 11.97 12.76 9.16
C ASP A 526 13.42 13.21 9.40
N TRP A 527 14.32 12.24 9.54
CA TRP A 527 15.69 12.48 9.98
C TRP A 527 16.51 13.42 9.06
N GLU A 528 16.02 13.73 7.89
CA GLU A 528 16.63 14.82 7.10
C GLU A 528 16.93 16.08 7.91
N HIS A 529 16.01 16.46 8.78
CA HIS A 529 16.20 17.63 9.63
C HIS A 529 17.18 17.43 10.76
N TYR A 530 17.35 16.18 11.20
CA TYR A 530 18.40 15.93 12.19
C TYR A 530 19.76 16.14 11.52
N LEU A 531 19.91 15.55 10.33
CA LEU A 531 21.18 15.58 9.60
C LEU A 531 21.47 17.02 9.16
N ALA A 532 20.43 17.71 8.72
CA ALA A 532 20.57 19.13 8.39
C ALA A 532 21.11 19.94 9.55
N SER A 533 20.76 19.56 10.77
CA SER A 533 21.26 20.24 11.95
C SER A 533 22.71 19.88 12.23
N LYS A 534 23.26 18.88 11.55
CA LYS A 534 24.67 18.53 11.75
C LYS A 534 25.53 18.81 10.53
N GLY A 535 25.11 19.73 9.68
CA GLY A 535 25.96 20.19 8.62
C GLY A 535 25.79 19.48 7.32
N TYR A 536 24.76 18.62 7.16
CA TYR A 536 24.51 17.98 5.87
C TYR A 536 23.41 18.66 5.04
N VAL A 537 23.66 18.78 3.75
CA VAL A 537 22.62 18.97 2.80
C VAL A 537 21.93 17.62 2.66
N VAL A 538 20.61 17.63 2.56
CA VAL A 538 19.88 16.44 2.19
C VAL A 538 19.04 16.72 0.95
N ALA A 539 19.15 15.82 -0.03
CA ALA A 539 18.44 15.95 -1.29
C ALA A 539 17.62 14.69 -1.54
N CYS A 540 16.54 14.80 -2.32
CA CYS A 540 15.75 13.66 -2.69
C CYS A 540 15.35 13.82 -4.13
N VAL A 541 15.72 12.83 -4.97
CA VAL A 541 15.52 12.90 -6.40
C VAL A 541 14.73 11.68 -6.89
N ASP A 542 13.67 11.93 -7.66
CA ASP A 542 12.86 10.85 -8.21
C ASP A 542 13.31 10.63 -9.67
N GLY A 543 13.93 9.47 -9.93
CA GLY A 543 14.47 9.19 -11.25
C GLY A 543 13.47 8.50 -12.16
N ARG A 544 13.95 8.08 -13.32
CA ARG A 544 13.14 7.27 -14.21
C ARG A 544 12.66 6.02 -13.47
N GLY A 545 11.42 5.66 -13.77
CA GLY A 545 10.75 4.51 -13.17
C GLY A 545 9.69 4.97 -12.20
N THR A 546 9.75 6.26 -11.81
CA THR A 546 8.88 6.75 -10.70
C THR A 546 7.51 7.15 -11.24
N GLY A 547 6.56 7.47 -10.36
CA GLY A 547 5.15 7.58 -10.75
C GLY A 547 4.71 8.98 -11.15
N ALA A 548 3.49 9.06 -11.68
CA ALA A 548 2.81 10.34 -11.88
C ALA A 548 3.43 11.20 -12.96
N ARG A 549 4.28 10.61 -13.80
CA ARG A 549 4.85 11.30 -14.96
C ARG A 549 4.51 10.55 -16.25
N GLY A 550 3.46 9.72 -16.19
CA GLY A 550 3.01 8.89 -17.30
C GLY A 550 3.69 7.54 -17.41
N GLU A 551 3.14 6.73 -18.31
CA GLU A 551 3.42 5.32 -18.39
C GLU A 551 4.84 5.04 -18.81
N GLU A 552 5.30 5.79 -19.81
CA GLU A 552 6.61 5.59 -20.37
C GLU A 552 7.67 5.86 -19.33
N TRP A 553 7.50 6.96 -18.61
CA TRP A 553 8.39 7.30 -17.53
C TRP A 553 8.49 6.17 -16.48
N ARG A 554 7.35 5.55 -16.12
CA ARG A 554 7.36 4.48 -15.14
C ARG A 554 7.73 3.07 -15.65
N LYS A 555 7.46 2.79 -16.93
CA LYS A 555 7.67 1.47 -17.48
C LYS A 555 8.93 1.40 -18.39
N CYS A 556 9.65 2.50 -18.55
CA CYS A 556 10.86 2.45 -19.41
C CYS A 556 11.88 1.48 -18.81
N THR A 557 11.66 1.07 -17.57
CA THR A 557 12.58 0.17 -16.86
C THR A 557 12.29 -1.28 -17.10
N TYR A 558 11.24 -1.57 -17.86
CA TYR A 558 10.68 -2.92 -17.98
C TYR A 558 11.77 -3.85 -18.47
N MET A 559 11.95 -4.95 -17.75
CA MET A 559 12.88 -6.03 -18.10
C MET A 559 14.35 -5.75 -17.78
N GLN A 560 14.57 -4.61 -17.12
CA GLN A 560 15.88 -4.18 -16.75
C GLN A 560 15.83 -3.25 -15.55
N LEU A 561 15.17 -3.69 -14.48
CA LEU A 561 15.14 -2.92 -13.23
C LEU A 561 16.50 -2.44 -12.76
N GLY A 562 16.47 -1.25 -12.16
CA GLY A 562 17.59 -0.70 -11.49
C GLY A 562 18.66 -0.01 -12.31
N VAL A 563 18.72 -0.30 -13.61
CA VAL A 563 19.74 0.27 -14.46
C VAL A 563 19.49 1.76 -14.57
N PHE A 564 18.32 2.13 -15.09
CA PHE A 564 18.03 3.54 -15.27
C PHE A 564 17.96 4.28 -13.94
N GLU A 565 17.41 3.63 -12.94
CA GLU A 565 17.22 4.24 -11.62
C GLU A 565 18.61 4.59 -11.00
N SER A 566 19.54 3.65 -11.09
CA SER A 566 20.92 3.89 -10.74
C SER A 566 21.49 5.01 -11.55
N ASP A 567 21.41 4.91 -12.88
CA ASP A 567 21.99 5.91 -13.77
C ASP A 567 21.53 7.28 -13.31
N ASP A 568 20.26 7.37 -12.90
CA ASP A 568 19.69 8.68 -12.62
C ASP A 568 20.14 9.28 -11.28
N GLN A 569 20.22 8.43 -10.25
CA GLN A 569 20.75 8.88 -8.99
C GLN A 569 22.23 9.26 -9.19
N ILE A 570 23.01 8.47 -9.94
CA ILE A 570 24.41 8.79 -10.23
C ILE A 570 24.49 10.14 -10.95
N ALA A 571 23.60 10.32 -11.93
CA ALA A 571 23.54 11.57 -12.73
C ALA A 571 23.10 12.75 -11.88
N ALA A 572 22.08 12.54 -11.05
CA ALA A 572 21.65 13.58 -10.11
C ALA A 572 22.77 13.93 -9.13
N ALA A 573 23.49 12.94 -8.64
CA ALA A 573 24.58 13.22 -7.73
C ALA A 573 25.61 14.09 -8.46
N THR A 574 25.83 13.75 -9.73
CA THR A 574 26.91 14.38 -10.47
C THR A 574 26.57 15.85 -10.60
N ALA A 575 25.30 16.14 -10.86
CA ALA A 575 24.90 17.53 -11.06
C ALA A 575 24.89 18.30 -9.74
N ILE A 576 24.39 17.68 -8.68
CA ILE A 576 24.29 18.30 -7.34
C ILE A 576 25.73 18.68 -6.95
N GLY A 577 26.63 17.77 -7.33
CA GLY A 577 28.04 17.89 -7.02
C GLY A 577 28.66 19.12 -7.65
N GLN A 578 28.04 19.67 -8.70
CA GLN A 578 28.60 20.86 -9.36
C GLN A 578 28.07 22.12 -8.74
N LEU A 579 27.09 22.04 -7.88
CA LEU A 579 26.70 23.23 -7.08
C LEU A 579 27.89 23.70 -6.25
N PRO A 580 28.10 25.02 -6.20
CA PRO A 580 29.28 25.53 -5.50
C PRO A 580 29.31 25.32 -3.98
N TYR A 581 28.15 25.24 -3.34
CA TYR A 581 28.06 24.99 -1.88
C TYR A 581 28.09 23.50 -1.48
N VAL A 582 28.50 22.65 -2.40
CA VAL A 582 28.44 21.23 -2.21
C VAL A 582 29.84 20.67 -2.43
N ASP A 583 30.26 19.77 -1.55
CA ASP A 583 31.51 19.06 -1.73
C ASP A 583 31.27 17.76 -2.48
N ALA A 584 31.71 17.72 -3.73
CA ALA A 584 31.44 16.59 -4.63
C ALA A 584 32.04 15.32 -4.13
N ALA A 585 33.07 15.42 -3.30
CA ALA A 585 33.76 14.22 -2.81
C ALA A 585 33.02 13.65 -1.59
N ARG A 586 31.96 14.32 -1.14
CA ARG A 586 31.19 13.86 0.02
C ARG A 586 29.70 13.74 -0.29
N ILE A 587 29.36 13.00 -1.35
CA ILE A 587 27.95 12.72 -1.64
C ILE A 587 27.64 11.26 -1.31
N GLY A 588 26.62 11.07 -0.46
CA GLY A 588 26.16 9.77 -0.06
C GLY A 588 24.76 9.46 -0.54
N ILE A 589 24.35 8.23 -0.36
CA ILE A 589 23.01 7.81 -0.79
C ILE A 589 22.42 6.83 0.22
N TRP A 590 21.12 6.98 0.48
CA TRP A 590 20.38 6.18 1.46
C TRP A 590 19.13 5.66 0.79
N GLY A 591 18.71 4.45 1.16
CA GLY A 591 17.47 3.91 0.70
C GLY A 591 17.14 2.61 1.42
N TRP A 592 15.86 2.27 1.40
CA TRP A 592 15.28 1.17 2.17
C TRP A 592 14.50 0.36 1.16
N SER A 593 14.68 -0.97 1.17
CA SER A 593 13.94 -1.85 0.29
C SER A 593 14.43 -1.65 -1.16
N TYR A 594 13.56 -1.32 -2.12
CA TYR A 594 14.02 -0.96 -3.47
C TYR A 594 15.03 0.17 -3.46
N GLY A 595 14.93 1.03 -2.46
CA GLY A 595 15.89 2.12 -2.26
C GLY A 595 17.24 1.57 -1.85
N GLY A 596 17.21 0.45 -1.10
CA GLY A 596 18.43 -0.17 -0.62
C GLY A 596 19.16 -0.76 -1.79
N TYR A 597 18.42 -1.52 -2.58
CA TYR A 597 18.91 -2.04 -3.84
C TYR A 597 19.55 -0.96 -4.70
N THR A 598 18.89 0.18 -4.76
CA THR A 598 19.27 1.27 -5.65
C THR A 598 20.57 1.90 -5.14
N THR A 599 20.73 1.96 -3.82
CA THR A 599 22.00 2.29 -3.19
C THR A 599 23.14 1.33 -3.65
N LEU A 600 23.00 0.04 -3.39
CA LEU A 600 23.98 -0.97 -3.88
C LEU A 600 24.34 -0.78 -5.34
N MET A 601 23.32 -0.64 -6.20
CA MET A 601 23.52 -0.43 -7.63
C MET A 601 24.35 0.84 -7.90
N SER A 602 24.01 1.90 -7.22
CA SER A 602 24.67 3.17 -7.41
C SER A 602 26.12 3.16 -6.93
N LEU A 603 26.40 2.53 -5.79
CA LEU A 603 27.79 2.29 -5.36
C LEU A 603 28.56 1.31 -6.28
N CYS A 604 27.83 0.50 -7.02
CA CYS A 604 28.48 -0.50 -7.84
C CYS A 604 28.71 -0.02 -9.26
N ARG A 605 27.88 0.91 -9.72
CA ARG A 605 27.86 1.30 -11.14
C ARG A 605 28.24 2.76 -11.37
N GLY A 606 28.51 3.50 -10.30
CA GLY A 606 28.79 4.93 -10.38
C GLY A 606 30.27 5.32 -10.37
N ASN A 607 31.14 4.32 -10.51
CA ASN A 607 32.58 4.53 -10.53
C ASN A 607 33.04 5.49 -9.45
N GLY A 608 32.58 5.27 -8.23
CA GLY A 608 33.01 6.11 -7.10
C GLY A 608 32.34 7.47 -7.00
N THR A 609 31.23 7.66 -7.68
CA THR A 609 30.48 8.90 -7.55
C THR A 609 30.01 9.14 -6.11
N PHE A 610 29.54 8.09 -5.44
CA PHE A 610 29.08 8.22 -4.07
C PHE A 610 30.21 7.85 -3.13
N LYS A 611 30.44 8.67 -2.11
CA LYS A 611 31.47 8.35 -1.10
C LYS A 611 31.02 7.31 -0.07
N ALA A 612 29.71 7.31 0.20
CA ALA A 612 29.11 6.41 1.17
C ALA A 612 27.68 6.05 0.74
N GLY A 613 27.22 4.90 1.23
CA GLY A 613 25.84 4.51 1.00
C GLY A 613 25.27 3.67 2.13
N ILE A 614 23.99 3.82 2.36
CA ILE A 614 23.29 3.01 3.34
C ILE A 614 22.17 2.31 2.62
N ALA A 615 22.11 1.00 2.85
CA ALA A 615 21.22 0.11 2.16
C ALA A 615 20.47 -0.72 3.20
N VAL A 616 19.21 -0.36 3.38
CA VAL A 616 18.41 -1.02 4.37
C VAL A 616 17.46 -1.99 3.71
N ALA A 617 17.47 -3.23 4.21
CA ALA A 617 16.74 -4.36 3.65
C ALA A 617 16.72 -4.38 2.08
N PRO A 618 17.91 -4.28 1.43
CA PRO A 618 17.96 -4.19 -0.02
C PRO A 618 17.72 -5.54 -0.70
N VAL A 619 17.07 -5.50 -1.84
CA VAL A 619 17.13 -6.64 -2.72
C VAL A 619 18.54 -6.62 -3.28
N ALA A 620 19.17 -7.77 -3.31
CA ALA A 620 20.47 -7.96 -3.91
C ALA A 620 20.40 -8.49 -5.36
N ASP A 621 19.36 -9.27 -5.66
CA ASP A 621 19.20 -9.85 -6.99
C ASP A 621 17.73 -10.19 -7.12
N TRP A 622 17.15 -9.87 -8.27
CA TRP A 622 15.71 -10.09 -8.44
C TRP A 622 15.32 -11.57 -8.46
N ARG A 623 16.31 -12.47 -8.63
CA ARG A 623 16.02 -13.91 -8.46
C ARG A 623 15.45 -14.21 -7.08
N PHE A 624 15.84 -13.41 -6.08
CA PHE A 624 15.47 -13.66 -4.69
C PHE A 624 14.14 -13.03 -4.27
N TYR A 625 13.62 -12.15 -5.11
CA TYR A 625 12.40 -11.51 -4.76
C TYR A 625 11.18 -12.27 -5.30
N ASP A 626 9.99 -11.89 -4.87
CA ASP A 626 8.81 -12.68 -5.14
C ASP A 626 8.32 -12.62 -6.59
N SER A 627 7.50 -13.62 -6.89
CA SER A 627 6.80 -13.85 -8.14
C SER A 627 6.12 -12.63 -8.81
N VAL A 628 5.09 -12.14 -8.14
CA VAL A 628 4.15 -11.25 -8.75
C VAL A 628 4.80 -9.90 -9.00
N TYR A 629 5.53 -9.40 -8.02
CA TYR A 629 6.21 -8.11 -8.15
C TYR A 629 7.26 -8.24 -9.25
N THR A 630 8.25 -9.08 -9.00
CA THR A 630 9.38 -9.18 -9.88
C THR A 630 8.97 -9.46 -11.33
N GLU A 631 8.11 -10.43 -11.54
CA GLU A 631 7.72 -10.78 -12.92
C GLU A 631 6.94 -9.70 -13.65
N ARG A 632 6.22 -8.87 -12.91
CA ARG A 632 5.47 -7.76 -13.48
C ARG A 632 6.37 -6.89 -14.29
N PHE A 633 7.54 -6.65 -13.72
CA PHE A 633 8.50 -5.72 -14.24
C PHE A 633 9.61 -6.41 -15.02
N MET A 634 9.78 -7.73 -14.86
CA MET A 634 10.96 -8.42 -15.44
C MET A 634 10.65 -9.67 -16.25
N ARG A 635 9.39 -10.12 -16.26
CA ARG A 635 9.05 -11.48 -16.70
C ARG A 635 9.82 -12.52 -15.90
N THR A 636 9.81 -13.78 -16.33
CA THR A 636 10.53 -14.80 -15.57
C THR A 636 12.02 -14.82 -15.88
N PRO A 637 12.83 -15.36 -14.93
CA PRO A 637 14.24 -15.66 -15.18
C PRO A 637 14.49 -16.39 -16.49
N LYS A 638 13.73 -17.46 -16.77
CA LYS A 638 13.93 -18.23 -18.00
C LYS A 638 13.80 -17.28 -19.17
N GLU A 639 12.82 -16.40 -19.17
CA GLU A 639 12.58 -15.57 -20.34
C GLU A 639 13.46 -14.35 -20.45
N ASN A 640 14.23 -14.02 -19.43
CA ASN A 640 14.95 -12.74 -19.41
C ASN A 640 16.29 -12.79 -18.70
N ALA A 641 17.11 -13.77 -19.06
CA ALA A 641 18.40 -13.96 -18.39
C ALA A 641 19.26 -12.73 -18.47
N SER A 642 19.26 -12.06 -19.62
CA SER A 642 20.01 -10.80 -19.76
C SER A 642 19.53 -9.75 -18.81
N GLY A 643 18.23 -9.51 -18.79
CA GLY A 643 17.66 -8.52 -17.89
C GLY A 643 18.03 -8.75 -16.45
N TYR A 644 17.84 -9.98 -15.99
CA TYR A 644 18.11 -10.31 -14.60
C TYR A 644 19.60 -10.11 -14.32
N LYS A 645 20.46 -10.41 -15.29
CA LYS A 645 21.86 -10.22 -15.12
C LYS A 645 22.16 -8.71 -14.97
N MET A 646 21.69 -7.91 -15.94
CA MET A 646 21.89 -6.42 -15.93
C MET A 646 21.36 -5.80 -14.66
N SER A 647 20.36 -6.40 -14.05
CA SER A 647 19.68 -5.76 -12.96
C SER A 647 20.21 -6.23 -11.60
N SER A 648 21.17 -7.14 -11.62
CA SER A 648 21.70 -7.71 -10.39
C SER A 648 22.76 -6.83 -9.72
N ALA A 649 22.48 -6.34 -8.52
CA ALA A 649 23.50 -5.68 -7.72
C ALA A 649 24.55 -6.70 -7.22
N LEU A 650 24.09 -7.92 -6.92
CA LEU A 650 24.95 -8.97 -6.42
C LEU A 650 26.03 -9.27 -7.45
N ASP A 651 25.62 -9.35 -8.69
CA ASP A 651 26.58 -9.54 -9.77
C ASP A 651 27.72 -8.53 -9.88
N VAL A 652 27.45 -7.29 -9.49
CA VAL A 652 28.45 -6.25 -9.61
C VAL A 652 29.00 -5.81 -8.23
N ALA A 653 28.79 -6.62 -7.19
CA ALA A 653 29.24 -6.31 -5.86
C ALA A 653 30.74 -6.02 -5.78
N SER A 654 31.55 -6.76 -6.56
CA SER A 654 33.00 -6.55 -6.51
C SER A 654 33.42 -5.22 -7.09
N GLN A 655 32.48 -4.51 -7.74
CA GLN A 655 32.72 -3.15 -8.22
C GLN A 655 32.36 -2.10 -7.20
N LEU A 656 31.86 -2.50 -6.03
CA LEU A 656 31.42 -1.51 -5.05
C LEU A 656 32.62 -0.59 -4.71
N GLN A 657 32.37 0.71 -4.68
CA GLN A 657 33.30 1.70 -4.17
C GLN A 657 32.57 2.58 -3.14
N GLY A 658 33.32 3.10 -2.17
CA GLY A 658 32.73 3.91 -1.11
C GLY A 658 32.43 3.08 0.12
N ASN A 659 32.04 3.73 1.19
CA ASN A 659 31.77 3.08 2.43
C ASN A 659 30.30 2.68 2.47
N LEU A 660 30.05 1.42 2.77
CA LEU A 660 28.70 0.90 2.79
C LEU A 660 28.25 0.55 4.20
N LEU A 661 27.04 0.95 4.55
CA LEU A 661 26.38 0.34 5.70
C LEU A 661 25.23 -0.44 5.09
N ILE A 662 25.19 -1.74 5.37
CA ILE A 662 24.09 -2.56 4.93
C ILE A 662 23.40 -3.18 6.16
N VAL A 663 22.07 -3.10 6.14
CA VAL A 663 21.26 -3.44 7.30
C VAL A 663 20.06 -4.32 6.93
N SER A 664 19.75 -5.29 7.75
CA SER A 664 18.55 -6.08 7.56
C SER A 664 18.01 -6.56 8.88
N GLY A 665 16.73 -6.80 8.90
CA GLY A 665 16.14 -7.62 9.93
C GLY A 665 16.45 -9.08 9.69
N SER A 666 16.46 -9.82 10.78
CA SER A 666 16.81 -11.26 10.84
C SER A 666 15.62 -12.16 10.33
N ALA A 667 14.44 -11.57 10.34
CA ALA A 667 13.17 -12.28 10.15
C ALA A 667 12.33 -11.50 9.14
N ASP A 668 12.96 -11.12 8.03
CA ASP A 668 12.28 -10.29 7.01
C ASP A 668 11.60 -11.19 5.94
N ASP A 669 10.27 -11.20 5.98
CA ASP A 669 9.47 -12.10 5.15
C ASP A 669 9.23 -11.52 3.76
N ASN A 670 9.71 -10.30 3.54
CA ASN A 670 9.50 -9.58 2.30
C ASN A 670 10.78 -9.61 1.44
N VAL A 671 11.84 -8.97 1.94
CA VAL A 671 13.15 -9.01 1.31
C VAL A 671 14.00 -9.90 2.21
N HIS A 672 14.34 -11.10 1.74
CA HIS A 672 14.89 -12.09 2.65
C HIS A 672 16.33 -11.71 3.04
N LEU A 673 16.66 -12.03 4.28
CA LEU A 673 17.99 -11.82 4.85
C LEU A 673 19.08 -12.34 3.90
N GLN A 674 18.74 -13.42 3.21
CA GLN A 674 19.48 -13.96 2.11
C GLN A 674 20.13 -12.90 1.20
N ASN A 675 19.38 -11.92 0.76
CA ASN A 675 19.93 -10.87 -0.08
C ASN A 675 21.18 -10.20 0.54
N THR A 676 21.00 -9.71 1.75
CA THR A 676 22.09 -9.09 2.50
C THR A 676 23.22 -10.06 2.80
N MET A 677 22.89 -11.28 3.20
CA MET A 677 23.95 -12.26 3.50
C MET A 677 24.83 -12.48 2.28
N LEU A 678 24.19 -12.68 1.13
CA LEU A 678 24.89 -12.97 -0.09
C LEU A 678 25.71 -11.82 -0.57
N PHE A 679 25.15 -10.61 -0.52
CA PHE A 679 25.86 -9.45 -1.00
C PHE A 679 27.13 -9.26 -0.12
N THR A 680 26.99 -9.51 1.18
CA THR A 680 28.14 -9.26 2.06
C THR A 680 29.28 -10.20 1.73
N GLU A 681 28.92 -11.43 1.37
CA GLU A 681 29.91 -12.43 1.05
C GLU A 681 30.65 -12.06 -0.23
N ALA A 682 29.93 -11.52 -1.20
CA ALA A 682 30.58 -10.98 -2.39
C ALA A 682 31.57 -9.93 -2.00
N LEU A 683 31.19 -9.04 -1.09
CA LEU A 683 32.11 -8.01 -0.63
C LEU A 683 33.35 -8.59 0.06
N VAL A 684 33.13 -9.58 0.92
CA VAL A 684 34.21 -10.20 1.67
C VAL A 684 35.23 -10.83 0.68
N GLN A 685 34.72 -11.54 -0.34
CA GLN A 685 35.61 -12.26 -1.25
C GLN A 685 36.33 -11.31 -2.20
N ALA A 686 35.75 -10.12 -2.47
CA ALA A 686 36.47 -9.05 -3.18
C ALA A 686 37.33 -8.14 -2.31
N ASN A 687 37.44 -8.46 -1.00
CA ASN A 687 38.21 -7.69 -0.05
C ASN A 687 37.71 -6.25 0.12
N ILE A 688 36.40 -6.07 0.01
CA ILE A 688 35.78 -4.74 0.13
C ILE A 688 35.34 -4.56 1.61
N PRO A 689 35.82 -3.52 2.31
CA PRO A 689 35.37 -3.37 3.69
C PRO A 689 33.96 -2.79 3.75
N PHE A 690 33.20 -3.09 4.79
CA PHE A 690 31.88 -2.51 4.92
C PHE A 690 31.34 -2.71 6.35
N ASP A 691 30.33 -1.94 6.67
CA ASP A 691 29.60 -2.14 7.94
C ASP A 691 28.32 -2.81 7.67
N MET A 692 27.92 -3.64 8.61
CA MET A 692 26.62 -4.28 8.56
C MET A 692 25.97 -4.34 9.93
N ALA A 693 24.66 -4.38 9.94
CA ALA A 693 23.90 -4.64 11.14
C ALA A 693 22.69 -5.54 10.82
N ILE A 694 22.52 -6.57 11.64
CA ILE A 694 21.38 -7.44 11.53
C ILE A 694 20.58 -7.31 12.84
N TYR A 695 19.35 -6.82 12.71
CA TYR A 695 18.48 -6.66 13.88
C TYR A 695 17.63 -7.90 14.14
N MET A 696 17.81 -8.51 15.30
CA MET A 696 17.20 -9.80 15.62
C MET A 696 15.66 -9.80 15.58
N ASP A 697 15.13 -10.83 14.93
CA ASP A 697 13.72 -11.10 14.83
C ASP A 697 12.95 -9.94 14.26
N LYS A 698 13.62 -9.05 13.56
CA LYS A 698 12.89 -7.91 12.99
C LYS A 698 12.52 -8.19 11.55
N ASN A 699 11.43 -7.58 11.10
CA ASN A 699 10.97 -7.79 9.73
C ASN A 699 11.38 -6.64 8.77
N HIS A 700 10.70 -6.52 7.65
CA HIS A 700 11.02 -5.50 6.71
C HIS A 700 10.91 -4.06 7.25
N SER A 701 10.16 -3.83 8.33
CA SER A 701 10.01 -2.48 8.90
C SER A 701 10.96 -2.20 10.06
N ILE A 702 11.77 -3.19 10.40
CA ILE A 702 12.81 -3.03 11.42
C ILE A 702 12.35 -2.05 12.53
N TYR A 703 11.49 -2.55 13.40
CA TYR A 703 11.02 -1.80 14.57
C TYR A 703 10.66 -2.75 15.73
N GLY A 704 10.52 -2.16 16.90
CA GLY A 704 10.12 -2.85 18.10
C GLY A 704 10.96 -2.27 19.22
N GLY A 705 10.31 -1.65 20.21
CA GLY A 705 11.02 -1.12 21.34
C GLY A 705 11.98 -0.05 20.86
N ASN A 706 13.23 -0.13 21.30
CA ASN A 706 14.21 0.88 20.94
C ASN A 706 14.84 0.75 19.53
N THR A 707 14.29 -0.14 18.68
CA THR A 707 14.96 -0.54 17.46
C THR A 707 15.17 0.56 16.42
N ARG A 708 14.12 1.33 16.13
CA ARG A 708 14.25 2.44 15.16
C ARG A 708 15.24 3.49 15.63
N TYR A 709 15.12 3.94 16.87
CA TYR A 709 16.07 4.89 17.42
C TYR A 709 17.51 4.37 17.35
N HIS A 710 17.71 3.12 17.74
CA HIS A 710 19.03 2.52 17.66
C HIS A 710 19.54 2.51 16.21
N LEU A 711 18.67 2.16 15.26
CA LEU A 711 19.00 2.08 13.83
C LEU A 711 19.35 3.45 13.21
N TYR A 712 18.48 4.43 13.47
CA TYR A 712 18.70 5.72 12.90
C TYR A 712 19.94 6.37 13.52
N THR A 713 20.17 6.11 14.80
CA THR A 713 21.38 6.58 15.47
C THR A 713 22.62 5.98 14.77
N ARG A 714 22.56 4.67 14.57
CA ARG A 714 23.61 3.92 13.86
C ARG A 714 23.87 4.57 12.50
N LYS A 715 22.78 4.87 11.78
CA LYS A 715 22.87 5.43 10.45
C LYS A 715 23.48 6.82 10.46
N ALA A 716 23.12 7.62 11.45
CA ALA A 716 23.58 8.99 11.54
C ALA A 716 25.08 9.00 11.84
N LYS A 717 25.44 8.17 12.81
CA LYS A 717 26.81 7.99 13.22
C LYS A 717 27.67 7.46 12.07
N PHE A 718 27.10 6.57 11.27
CA PHE A 718 27.83 6.06 10.14
C PHE A 718 28.09 7.18 9.14
N LEU A 719 27.10 8.02 8.90
CA LEU A 719 27.32 9.15 8.05
C LEU A 719 28.35 10.12 8.69
N PHE A 720 28.30 10.33 10.00
CA PHE A 720 29.25 11.28 10.62
C PHE A 720 30.72 10.77 10.49
N ASP A 721 30.89 9.45 10.53
CA ASP A 721 32.20 8.84 10.43
C ASP A 721 32.64 8.62 8.98
N ASN A 722 31.73 8.51 8.05
CA ASN A 722 32.12 8.12 6.70
C ASN A 722 31.69 9.06 5.59
N LEU A 723 30.85 10.07 5.86
CA LEU A 723 30.38 10.93 4.78
C LEU A 723 30.86 12.33 4.98
#